data_7U2Z
#
_entry.id   7U2Z
#
_cell.length_a   82.250
_cell.length_b   85.500
_cell.length_c   178.150
_cell.angle_alpha   90.000
_cell.angle_beta   90.000
_cell.angle_gamma   90.000
#
_symmetry.space_group_name_H-M   'P 21 21 21'
#
loop_
_entity.id
_entity.type
_entity.pdbx_description
1 polymer 'Glycogen synthase kinase-3 beta'
2 non-polymer (3R)-1-[3-(2-fluorophenyl)propanoyl]-N-(pyridin-2-yl)pyrrolidine-3-carboxamide
3 non-polymer 'CHLORIDE ION'
4 water water
#
_entity_poly.entity_id   1
_entity_poly.type   'polypeptide(L)'
_entity_poly.pdbx_seq_one_letter_code
;SKVTTVVATPGQGPDRPQEVSYTDTKVIGNGSFGVVYQAKLCDSGELVAIKKVLQDKRFKNRELQIMRKLDHCNIVRLRY
FFYSSGEKKDEVYLNLVLDYVPETVYRVARHYSRAKQTLPVIYVKLYMYQLFRSLAYIHSFGICHRDIKPQNLLLDPDTA
VLKLCDFGSAKQLVRGEPNVSYICSRYYRAPELIFGATDYTSSIDVWSAGCVLAELLLGQPIFPGDSGVDQLVEIIKVLG
TPTREQIREMNPNYTEFKFPQIKAHPWTKVFRPRTPPEAIALCSRLLEYTPTARLTPLEACAHSFFDELRDPNVKLPNGR
DTPALFNFTTQELSSNPPLATILIPPHA
;
_entity_poly.pdbx_strand_id   A,B
#
# COMPACT_ATOMS: atom_id res chain seq x y z
N SER A 1 -33.14 21.80 -14.34
CA SER A 1 -33.18 23.29 -14.39
C SER A 1 -32.86 23.95 -13.04
N LYS A 2 -32.17 23.22 -12.15
CA LYS A 2 -31.76 23.72 -10.84
C LYS A 2 -30.46 24.53 -10.98
N VAL A 3 -30.41 25.68 -10.33
CA VAL A 3 -29.27 26.61 -10.39
C VAL A 3 -28.81 26.99 -8.98
N THR A 4 -27.51 26.80 -8.71
CA THR A 4 -26.86 27.25 -7.49
C THR A 4 -26.03 28.48 -7.81
N THR A 5 -26.26 29.56 -7.06
CA THR A 5 -25.53 30.81 -7.23
C THR A 5 -24.75 31.14 -5.96
N VAL A 6 -23.44 31.36 -6.13
CA VAL A 6 -22.52 31.63 -5.03
C VAL A 6 -21.65 32.84 -5.37
N VAL A 7 -21.05 33.43 -4.33
CA VAL A 7 -20.07 34.50 -4.49
C VAL A 7 -18.69 33.88 -4.30
N ALA A 8 -17.97 33.70 -5.42
CA ALA A 8 -16.72 32.94 -5.44
C ALA A 8 -15.54 33.82 -5.86
N THR A 9 -14.37 33.51 -5.30
CA THR A 9 -13.14 34.24 -5.51
C THR A 9 -12.32 33.58 -6.62
N PRO A 10 -11.88 34.33 -7.66
CA PRO A 10 -10.98 33.79 -8.68
C PRO A 10 -9.69 33.21 -8.09
N GLY A 11 -9.16 32.15 -8.73
CA GLY A 11 -7.95 31.47 -8.27
C GLY A 11 -6.72 32.34 -8.44
N GLN A 12 -6.52 32.83 -9.67
CA GLN A 12 -5.45 33.78 -9.99
C GLN A 12 -6.02 35.18 -9.83
N GLY A 13 -5.15 36.19 -9.95
CA GLY A 13 -5.55 37.59 -9.89
C GLY A 13 -5.99 38.06 -8.50
N PRO A 14 -6.30 39.37 -8.35
CA PRO A 14 -6.57 39.96 -7.03
C PRO A 14 -7.86 39.42 -6.40
N ASP A 15 -7.90 39.38 -5.06
CA ASP A 15 -9.01 38.81 -4.30
C ASP A 15 -10.29 39.64 -4.45
N ARG A 16 -10.98 39.44 -5.58
CA ARG A 16 -12.20 40.20 -5.97
C ARG A 16 -13.34 39.23 -6.27
N PRO A 17 -14.17 38.84 -5.27
CA PRO A 17 -15.23 37.86 -5.51
C PRO A 17 -16.28 38.31 -6.54
N GLN A 18 -16.88 37.35 -7.25
CA GLN A 18 -18.02 37.60 -8.13
C GLN A 18 -19.08 36.53 -8.02
N GLU A 19 -20.27 36.83 -8.54
CA GLU A 19 -21.39 35.89 -8.54
C GLU A 19 -21.21 34.88 -9.65
N VAL A 20 -21.22 33.58 -9.27
CA VAL A 20 -21.08 32.47 -10.20
C VAL A 20 -22.25 31.52 -10.01
N SER A 21 -23.00 31.27 -11.09
CA SER A 21 -24.11 30.33 -11.12
C SER A 21 -23.71 29.10 -11.94
N TYR A 22 -23.96 27.91 -11.39
CA TYR A 22 -23.69 26.61 -12.06
C TYR A 22 -24.89 25.68 -11.90
N THR A 23 -25.00 24.70 -12.81
CA THR A 23 -26.13 23.78 -12.89
C THR A 23 -25.63 22.38 -13.29
N ASP A 24 -26.57 21.44 -13.43
CA ASP A 24 -26.30 20.04 -13.77
C ASP A 24 -25.30 19.41 -12.80
N THR A 25 -25.48 19.71 -11.51
CA THR A 25 -24.60 19.22 -10.46
C THR A 25 -24.82 17.73 -10.26
N LYS A 26 -23.72 16.98 -10.18
CA LYS A 26 -23.74 15.53 -9.97
C LYS A 26 -22.43 15.09 -9.32
N VAL A 27 -22.51 14.07 -8.46
CA VAL A 27 -21.35 13.51 -7.79
C VAL A 27 -20.58 12.65 -8.79
N ILE A 28 -19.25 12.79 -8.77
CA ILE A 28 -18.35 12.02 -9.64
C ILE A 28 -17.18 11.39 -8.87
N GLY A 29 -17.35 11.22 -7.56
CA GLY A 29 -16.36 10.56 -6.73
C GLY A 29 -16.28 11.06 -5.31
N ASN A 30 -15.77 10.20 -4.42
CA ASN A 30 -15.44 10.54 -3.03
C ASN A 30 -13.94 10.36 -2.84
N GLY A 31 -13.21 11.50 -2.79
CA GLY A 31 -11.77 11.50 -2.78
C GLY A 31 -11.11 11.42 -1.41
N SER A 32 -11.76 10.74 -0.46
CA SER A 32 -11.26 10.57 0.91
C SER A 32 -11.34 11.87 1.71
N PHE A 33 -10.69 12.93 1.21
CA PHE A 33 -10.74 14.28 1.80
C PHE A 33 -12.17 14.84 1.80
N GLY A 34 -12.96 14.41 0.81
CA GLY A 34 -14.35 14.82 0.67
C GLY A 34 -14.93 14.39 -0.67
N VAL A 35 -15.97 15.10 -1.11
CA VAL A 35 -16.70 14.79 -2.34
C VAL A 35 -16.19 15.64 -3.50
N VAL A 36 -16.30 15.10 -4.72
CA VAL A 36 -16.01 15.81 -5.96
C VAL A 36 -17.25 15.77 -6.85
N TYR A 37 -17.80 16.96 -7.16
CA TYR A 37 -18.99 17.17 -8.03
C TYR A 37 -18.55 17.60 -9.43
N GLN A 38 -19.39 17.35 -10.43
CA GLN A 38 -19.27 17.96 -11.75
C GLN A 38 -20.44 18.93 -11.90
N ALA A 39 -20.18 20.06 -12.54
CA ALA A 39 -21.21 21.07 -12.80
C ALA A 39 -20.93 21.82 -14.10
N LYS A 40 -21.96 22.52 -14.60
CA LYS A 40 -21.87 23.36 -15.78
C LYS A 40 -22.12 24.81 -15.39
N LEU A 41 -21.18 25.70 -15.73
CA LEU A 41 -21.32 27.13 -15.51
C LEU A 41 -22.38 27.69 -16.44
N CYS A 42 -23.36 28.39 -15.86
CA CYS A 42 -24.52 28.91 -16.60
C CYS A 42 -24.15 29.87 -17.72
N ASP A 43 -23.25 30.83 -17.42
CA ASP A 43 -22.81 31.84 -18.39
C ASP A 43 -22.18 31.23 -19.65
N SER A 44 -21.05 30.54 -19.49
CA SER A 44 -20.25 30.04 -20.60
C SER A 44 -20.63 28.65 -21.08
N GLY A 45 -21.29 27.87 -20.21
CA GLY A 45 -21.65 26.48 -20.48
C GLY A 45 -20.49 25.51 -20.31
N GLU A 46 -19.37 26.01 -19.77
CA GLU A 46 -18.17 25.20 -19.55
C GLU A 46 -18.36 24.30 -18.34
N LEU A 47 -17.76 23.11 -18.41
CA LEU A 47 -17.83 22.11 -17.35
C LEU A 47 -16.73 22.33 -16.32
N VAL A 48 -17.08 22.15 -15.04
CA VAL A 48 -16.15 22.27 -13.93
C VAL A 48 -16.32 21.11 -12.97
N ALA A 49 -15.24 20.82 -12.22
CA ALA A 49 -15.27 19.88 -11.11
C ALA A 49 -15.15 20.69 -9.82
N ILE A 50 -16.04 20.42 -8.86
CA ILE A 50 -16.04 21.10 -7.56
C ILE A 50 -15.59 20.13 -6.48
N LYS A 51 -14.42 20.40 -5.89
CA LYS A 51 -13.83 19.59 -4.84
C LYS A 51 -14.20 20.19 -3.48
N LYS A 52 -15.16 19.56 -2.81
CA LYS A 52 -15.65 19.99 -1.50
C LYS A 52 -14.85 19.33 -0.39
N VAL A 53 -14.27 20.16 0.49
CA VAL A 53 -13.38 19.71 1.56
C VAL A 53 -13.70 20.47 2.85
N LEU A 54 -13.70 19.76 3.98
CA LEU A 54 -13.97 20.34 5.30
C LEU A 54 -12.87 21.32 5.66
N GLN A 55 -13.26 22.56 6.01
CA GLN A 55 -12.31 23.62 6.33
C GLN A 55 -11.89 23.55 7.80
N ASP A 56 -10.57 23.49 8.03
CA ASP A 56 -9.98 23.57 9.36
C ASP A 56 -9.99 25.05 9.75
N LYS A 57 -10.64 25.36 10.87
CA LYS A 57 -10.71 26.74 11.39
C LYS A 57 -9.34 27.29 11.85
N ARG A 58 -8.47 26.38 12.33
CA ARG A 58 -7.15 26.70 12.92
C ARG A 58 -6.27 27.39 11.87
N PHE A 59 -6.03 26.73 10.73
CA PHE A 59 -5.14 27.24 9.68
C PHE A 59 -5.83 27.23 8.32
N LYS A 60 -5.32 28.04 7.39
CA LYS A 60 -5.80 28.09 6.03
C LYS A 60 -5.40 26.82 5.28
N ASN A 61 -6.21 26.46 4.28
CA ASN A 61 -6.01 25.25 3.50
C ASN A 61 -4.76 25.32 2.62
N ARG A 62 -3.81 24.39 2.84
CA ARG A 62 -2.48 24.33 2.18
C ARG A 62 -2.66 24.10 0.68
N GLU A 63 -3.61 23.25 0.28
CA GLU A 63 -3.88 22.95 -1.12
C GLU A 63 -4.27 24.24 -1.85
N LEU A 64 -5.20 24.99 -1.25
CA LEU A 64 -5.67 26.26 -1.80
C LEU A 64 -4.53 27.26 -2.02
N GLN A 65 -3.71 27.45 -0.97
CA GLN A 65 -2.60 28.41 -1.00
C GLN A 65 -1.59 28.10 -2.09
N ILE A 66 -1.34 26.80 -2.31
CA ILE A 66 -0.46 26.33 -3.37
C ILE A 66 -1.08 26.55 -4.74
N MET A 67 -2.35 26.15 -4.89
CA MET A 67 -3.09 26.24 -6.15
C MET A 67 -3.19 27.66 -6.72
N ARG A 68 -3.31 28.65 -5.84
CA ARG A 68 -3.46 30.08 -6.18
C ARG A 68 -2.15 30.64 -6.75
N LYS A 69 -1.01 30.08 -6.35
CA LYS A 69 0.29 30.49 -6.86
C LYS A 69 0.61 29.90 -8.24
N LEU A 70 0.01 28.75 -8.56
CA LEU A 70 0.34 27.98 -9.75
C LEU A 70 -0.47 28.40 -10.97
N ASP A 71 0.23 28.58 -12.10
CA ASP A 71 -0.36 29.00 -13.37
C ASP A 71 0.49 28.39 -14.50
N HIS A 72 -0.02 27.31 -15.08
CA HIS A 72 0.72 26.50 -16.05
C HIS A 72 -0.24 25.65 -16.89
N CYS A 73 0.13 25.43 -18.15
CA CYS A 73 -0.71 24.71 -19.11
CA CYS A 73 -0.72 24.72 -19.10
C CYS A 73 -0.90 23.22 -18.78
N ASN A 74 0.03 22.67 -18.00
CA ASN A 74 0.02 21.26 -17.61
C ASN A 74 -0.30 21.04 -16.11
N ILE A 75 -1.06 21.97 -15.54
CA ILE A 75 -1.56 21.88 -14.17
C ILE A 75 -3.03 22.29 -14.17
N VAL A 76 -3.85 21.48 -13.49
CA VAL A 76 -5.29 21.72 -13.40
C VAL A 76 -5.54 23.15 -12.94
N ARG A 77 -6.46 23.84 -13.62
CA ARG A 77 -6.73 25.29 -13.42
C ARG A 77 -7.78 25.48 -12.34
N LEU A 78 -7.44 26.23 -11.28
CA LEU A 78 -8.39 26.68 -10.28
C LEU A 78 -9.09 27.95 -10.77
N ARG A 79 -10.33 27.80 -11.24
CA ARG A 79 -11.18 28.90 -11.77
C ARG A 79 -11.66 29.78 -10.61
N TYR A 80 -12.29 29.17 -9.61
CA TYR A 80 -12.86 29.85 -8.42
C TYR A 80 -12.65 29.00 -7.17
N PHE A 81 -12.84 29.62 -6.01
CA PHE A 81 -13.07 28.92 -4.75
C PHE A 81 -14.06 29.71 -3.92
N PHE A 82 -14.92 28.98 -3.19
CA PHE A 82 -15.90 29.55 -2.29
C PHE A 82 -16.13 28.64 -1.09
N TYR A 83 -16.66 29.24 -0.02
CA TYR A 83 -16.97 28.54 1.26
C TYR A 83 -18.48 28.31 1.36
N SER A 84 -18.86 27.18 1.97
CA SER A 84 -20.26 26.82 2.18
C SER A 84 -20.37 25.86 3.37
N SER A 85 -21.60 25.40 3.63
CA SER A 85 -21.87 24.42 4.69
C SER A 85 -22.99 23.47 4.27
N LYS A 89 -25.04 20.21 9.92
CA LYS A 89 -23.62 20.00 10.15
C LYS A 89 -23.06 21.09 11.07
N ASP A 90 -23.16 22.35 10.62
CA ASP A 90 -22.64 23.54 11.31
C ASP A 90 -21.11 23.69 11.26
N GLU A 91 -20.46 22.91 10.39
CA GLU A 91 -19.10 23.18 9.90
C GLU A 91 -18.94 23.82 8.50
N VAL A 92 -17.78 24.44 8.28
CA VAL A 92 -17.45 25.15 7.04
C VAL A 92 -16.73 24.22 6.07
N TYR A 93 -17.13 24.27 4.80
CA TYR A 93 -16.54 23.52 3.66
C TYR A 93 -15.89 24.49 2.67
N LEU A 94 -14.66 24.19 2.25
CA LEU A 94 -13.98 24.88 1.15
C LEU A 94 -14.30 24.13 -0.14
N ASN A 95 -14.71 24.88 -1.17
CA ASN A 95 -15.03 24.34 -2.49
C ASN A 95 -14.05 24.87 -3.53
N LEU A 96 -13.29 23.97 -4.15
CA LEU A 96 -12.38 24.31 -5.23
C LEU A 96 -13.04 24.01 -6.56
N VAL A 97 -13.33 25.07 -7.34
CA VAL A 97 -13.93 24.97 -8.66
C VAL A 97 -12.81 24.91 -9.69
N LEU A 98 -12.66 23.75 -10.33
CA LEU A 98 -11.57 23.46 -11.25
C LEU A 98 -12.11 23.23 -12.66
N ASP A 99 -11.31 23.56 -13.67
CA ASP A 99 -11.63 23.24 -15.06
C ASP A 99 -11.69 21.73 -15.19
N TYR A 100 -12.85 21.23 -15.64
CA TYR A 100 -13.14 19.77 -15.77
C TYR A 100 -12.34 19.20 -16.96
N VAL A 101 -11.63 18.10 -16.71
CA VAL A 101 -10.92 17.36 -17.75
C VAL A 101 -11.51 15.95 -17.76
N PRO A 102 -11.94 15.43 -18.93
CA PRO A 102 -12.78 14.23 -18.99
C PRO A 102 -12.09 12.89 -18.65
N GLU A 103 -10.79 12.74 -18.93
CA GLU A 103 -10.08 11.47 -18.73
C GLU A 103 -8.87 11.57 -17.82
N THR A 104 -8.31 10.41 -17.45
CA THR A 104 -7.06 10.30 -16.72
C THR A 104 -6.17 9.28 -17.40
N VAL A 105 -4.86 9.36 -17.14
CA VAL A 105 -3.89 8.41 -17.69
C VAL A 105 -4.20 7.00 -17.20
N TYR A 106 -4.64 6.90 -15.93
CA TYR A 106 -5.03 5.62 -15.27
C TYR A 106 -6.08 4.90 -16.13
N ARG A 107 -7.16 5.62 -16.46
CA ARG A 107 -8.37 5.06 -17.14
C ARG A 107 -8.00 4.69 -18.58
N VAL A 108 -7.24 5.55 -19.27
CA VAL A 108 -6.80 5.29 -20.64
C VAL A 108 -5.87 4.09 -20.68
N ALA A 109 -4.86 4.10 -19.82
CA ALA A 109 -3.88 3.01 -19.75
C ALA A 109 -4.53 1.65 -19.51
N ARG A 110 -5.55 1.62 -18.65
CA ARG A 110 -6.27 0.39 -18.23
C ARG A 110 -7.11 -0.14 -19.40
N HIS A 111 -7.73 0.75 -20.18
CA HIS A 111 -8.48 0.36 -21.38
C HIS A 111 -7.58 -0.43 -22.34
N TYR A 112 -6.37 0.09 -22.61
CA TYR A 112 -5.33 -0.57 -23.42
C TYR A 112 -4.88 -1.87 -22.75
N SER A 113 -4.66 -1.82 -21.43
CA SER A 113 -4.09 -2.93 -20.67
C SER A 113 -4.93 -4.20 -20.71
N ARG A 114 -6.23 -4.06 -20.45
CA ARG A 114 -7.18 -5.21 -20.35
C ARG A 114 -7.68 -5.59 -21.75
N ALA A 115 -7.20 -4.90 -22.79
CA ALA A 115 -7.35 -5.35 -24.18
C ALA A 115 -6.03 -5.91 -24.73
N LYS A 116 -5.12 -6.29 -23.81
CA LYS A 116 -3.79 -6.82 -24.12
C LYS A 116 -3.03 -5.98 -25.16
N GLN A 117 -3.14 -4.65 -25.04
CA GLN A 117 -2.48 -3.71 -25.94
C GLN A 117 -1.60 -2.73 -25.17
N THR A 118 -0.55 -2.25 -25.83
CA THR A 118 0.31 -1.20 -25.30
C THR A 118 -0.06 0.11 -25.98
N LEU A 119 -0.14 1.18 -25.17
CA LEU A 119 -0.40 2.53 -25.64
C LEU A 119 0.69 2.93 -26.64
N PRO A 120 0.32 3.47 -27.82
CA PRO A 120 1.31 3.95 -28.79
C PRO A 120 2.35 4.88 -28.15
N VAL A 121 3.63 4.71 -28.49
CA VAL A 121 4.74 5.45 -27.88
C VAL A 121 4.59 6.98 -28.04
N ILE A 122 3.92 7.40 -29.11
CA ILE A 122 3.66 8.82 -29.35
C ILE A 122 2.93 9.46 -28.16
N TYR A 123 1.93 8.75 -27.61
CA TYR A 123 1.13 9.18 -26.44
C TYR A 123 1.98 9.07 -25.17
N VAL A 124 2.81 8.04 -25.06
CA VAL A 124 3.72 7.88 -23.93
C VAL A 124 4.65 9.09 -23.85
N LYS A 125 5.18 9.49 -25.00
CA LYS A 125 6.05 10.66 -25.11
C LYS A 125 5.31 11.95 -24.75
N LEU A 126 4.13 12.15 -25.35
CA LEU A 126 3.32 13.34 -25.11
C LEU A 126 2.96 13.51 -23.63
N TYR A 127 2.51 12.42 -22.99
CA TYR A 127 2.03 12.43 -21.58
C TYR A 127 3.22 12.62 -20.64
N MET A 128 4.29 11.85 -20.82
CA MET A 128 5.45 11.93 -19.93
C MET A 128 6.14 13.29 -19.98
N TYR A 129 6.28 13.86 -21.20
CA TYR A 129 6.89 15.19 -21.44
C TYR A 129 6.12 16.26 -20.66
N GLN A 130 4.79 16.27 -20.80
CA GLN A 130 3.93 17.25 -20.14
C GLN A 130 3.94 17.11 -18.62
N LEU A 131 4.05 15.88 -18.14
CA LEU A 131 4.22 15.59 -16.72
C LEU A 131 5.52 16.22 -16.21
N PHE A 132 6.61 16.00 -16.94
CA PHE A 132 7.93 16.53 -16.57
C PHE A 132 7.99 18.06 -16.59
N ARG A 133 7.25 18.68 -17.51
CA ARG A 133 7.09 20.16 -17.56
C ARG A 133 6.39 20.63 -16.27
N SER A 134 5.27 19.98 -15.91
CA SER A 134 4.50 20.36 -14.73
C SER A 134 5.36 20.23 -13.47
N LEU A 135 6.18 19.18 -13.40
CA LEU A 135 7.11 18.95 -12.30
C LEU A 135 8.24 19.98 -12.27
N ALA A 136 8.77 20.32 -13.45
CA ALA A 136 9.79 21.36 -13.59
C ALA A 136 9.30 22.69 -13.03
N TYR A 137 8.05 23.02 -13.34
CA TYR A 137 7.37 24.28 -12.90
C TYR A 137 7.23 24.28 -11.38
N ILE A 138 6.51 23.30 -10.80
CA ILE A 138 6.24 23.31 -9.37
C ILE A 138 7.51 23.19 -8.51
N HIS A 139 8.48 22.40 -8.98
CA HIS A 139 9.76 22.25 -8.28
C HIS A 139 10.55 23.56 -8.23
N SER A 140 10.38 24.41 -9.24
CA SER A 140 11.02 25.73 -9.29
C SER A 140 10.58 26.64 -8.13
N PHE A 141 9.38 26.41 -7.59
CA PHE A 141 8.89 27.06 -6.37
C PHE A 141 9.29 26.29 -5.10
N GLY A 142 10.05 25.20 -5.26
CA GLY A 142 10.38 24.30 -4.16
C GLY A 142 9.23 23.41 -3.69
N ILE A 143 8.15 23.33 -4.48
CA ILE A 143 6.95 22.57 -4.16
C ILE A 143 7.04 21.17 -4.75
N CYS A 144 6.87 20.16 -3.88
CA CYS A 144 6.87 18.75 -4.25
C CYS A 144 5.42 18.27 -4.19
N HIS A 145 5.00 17.48 -5.20
CA HIS A 145 3.62 17.00 -5.30
C HIS A 145 3.35 15.90 -4.28
N ARG A 146 4.27 14.93 -4.20
CA ARG A 146 4.33 13.83 -3.19
C ARG A 146 3.19 12.81 -3.40
N ASP A 147 2.55 12.80 -4.57
CA ASP A 147 1.54 11.79 -4.89
C ASP A 147 1.33 11.69 -6.40
N ILE A 148 2.44 11.58 -7.14
CA ILE A 148 2.40 11.42 -8.58
C ILE A 148 2.00 9.97 -8.86
N LYS A 149 0.89 9.81 -9.59
CA LYS A 149 0.35 8.52 -9.99
C LYS A 149 -0.61 8.70 -11.15
N PRO A 150 -0.86 7.65 -11.97
CA PRO A 150 -1.71 7.76 -13.16
C PRO A 150 -3.09 8.40 -12.92
N GLN A 151 -3.69 8.17 -11.74
CA GLN A 151 -5.00 8.70 -11.40
C GLN A 151 -5.02 10.22 -11.29
N ASN A 152 -3.87 10.80 -10.91
CA ASN A 152 -3.70 12.25 -10.76
C ASN A 152 -3.20 12.97 -12.03
N LEU A 153 -3.13 12.24 -13.16
CA LEU A 153 -2.76 12.79 -14.45
C LEU A 153 -3.98 12.87 -15.36
N LEU A 154 -4.59 14.07 -15.42
CA LEU A 154 -5.77 14.31 -16.23
C LEU A 154 -5.40 14.42 -17.71
N LEU A 155 -6.31 13.99 -18.59
CA LEU A 155 -6.12 13.95 -20.04
C LEU A 155 -7.34 14.46 -20.77
N ASP A 156 -7.11 15.34 -21.75
CA ASP A 156 -8.11 15.66 -22.75
C ASP A 156 -7.74 14.81 -23.96
N PRO A 157 -8.55 13.79 -24.31
CA PRO A 157 -8.18 12.85 -25.37
C PRO A 157 -8.09 13.52 -26.75
N ASP A 158 -8.95 14.51 -27.02
CA ASP A 158 -8.95 15.26 -28.29
C ASP A 158 -7.64 16.01 -28.54
N THR A 159 -7.21 16.81 -27.56
CA THR A 159 -6.04 17.68 -27.69
C THR A 159 -4.72 17.07 -27.20
N ALA A 160 -4.82 15.93 -26.50
CA ALA A 160 -3.68 15.22 -25.91
C ALA A 160 -2.97 16.00 -24.81
N VAL A 161 -3.71 16.95 -24.21
CA VAL A 161 -3.18 17.80 -23.14
C VAL A 161 -3.30 17.05 -21.83
N LEU A 162 -2.17 16.98 -21.10
CA LEU A 162 -2.12 16.39 -19.77
C LEU A 162 -2.00 17.49 -18.74
N LYS A 163 -2.78 17.36 -17.66
CA LYS A 163 -2.76 18.29 -16.54
C LYS A 163 -2.62 17.52 -15.24
N LEU A 164 -1.60 17.89 -14.45
CA LEU A 164 -1.39 17.36 -13.11
C LEU A 164 -2.45 17.93 -12.17
N CYS A 165 -3.07 17.07 -11.36
CA CYS A 165 -4.10 17.47 -10.39
C CYS A 165 -3.85 16.85 -9.02
N ASP A 166 -4.75 17.18 -8.08
CA ASP A 166 -4.73 16.70 -6.69
C ASP A 166 -3.46 17.15 -5.95
N PHE A 167 -3.48 18.40 -5.49
CA PHE A 167 -2.36 18.97 -4.74
C PHE A 167 -2.59 18.89 -3.23
N GLY A 168 -3.43 17.94 -2.81
CA GLY A 168 -3.78 17.71 -1.42
C GLY A 168 -2.63 17.25 -0.54
N SER A 169 -1.63 16.60 -1.15
CA SER A 169 -0.41 16.16 -0.45
C SER A 169 0.79 17.08 -0.71
N ALA A 170 0.60 18.08 -1.57
CA ALA A 170 1.70 18.95 -2.03
C ALA A 170 2.19 19.85 -0.91
N LYS A 171 3.50 20.08 -0.90
CA LYS A 171 4.17 20.86 0.13
C LYS A 171 5.50 21.41 -0.34
N GLN A 172 5.85 22.62 0.13
CA GLN A 172 7.15 23.20 -0.10
C GLN A 172 8.17 22.52 0.81
N LEU A 173 9.19 21.90 0.20
CA LEU A 173 10.25 21.22 0.93
C LEU A 173 11.44 22.16 1.13
N VAL A 174 11.70 22.53 2.39
CA VAL A 174 12.81 23.39 2.78
C VAL A 174 13.89 22.53 3.46
N ARG A 175 15.09 22.54 2.87
CA ARG A 175 16.26 21.76 3.37
C ARG A 175 16.46 22.06 4.87
N GLY A 176 16.54 21.02 5.70
CA GLY A 176 16.66 21.16 7.14
C GLY A 176 15.40 20.81 7.91
N GLU A 177 14.24 21.16 7.33
CA GLU A 177 12.93 20.86 7.93
C GLU A 177 12.50 19.44 7.58
N PRO A 178 12.12 18.60 8.58
CA PRO A 178 11.72 17.23 8.31
C PRO A 178 10.30 17.15 7.72
N ASN A 179 10.02 16.08 6.96
CA ASN A 179 8.71 15.86 6.36
C ASN A 179 8.29 14.40 6.47
N VAL A 180 6.96 14.18 6.57
CA VAL A 180 6.40 12.86 6.81
C VAL A 180 6.72 11.89 5.68
N SER A 181 7.01 10.64 6.04
CA SER A 181 7.42 9.62 5.07
C SER A 181 6.27 8.78 4.53
N TYR A 182 5.04 9.04 4.99
CA TYR A 182 3.85 8.21 4.71
C TYR A 182 2.95 8.85 3.64
N ILE A 183 3.48 9.82 2.88
CA ILE A 183 2.81 10.33 1.68
C ILE A 183 3.17 9.45 0.49
N CYS A 184 2.45 9.66 -0.62
CA CYS A 184 2.68 9.00 -1.91
C CYS A 184 2.04 7.61 -1.94
N SER A 185 1.43 7.27 -3.09
CA SER A 185 0.68 6.04 -3.25
C SER A 185 1.55 4.83 -3.48
N ARG A 186 1.04 3.67 -3.03
CA ARG A 186 1.69 2.34 -3.14
C ARG A 186 1.95 2.05 -4.63
N TYR A 187 3.16 1.59 -4.94
CA TYR A 187 3.69 1.31 -6.29
C TYR A 187 4.56 2.48 -6.76
N TYR A 188 4.24 3.72 -6.37
CA TYR A 188 4.90 4.94 -6.92
C TYR A 188 5.79 5.60 -5.87
N ARG A 189 6.02 4.93 -4.74
CA ARG A 189 6.82 5.44 -3.59
C ARG A 189 8.31 5.22 -3.88
N ALA A 190 9.12 6.27 -3.74
CA ALA A 190 10.57 6.18 -3.88
C ALA A 190 11.13 5.34 -2.74
N PRO A 191 12.29 4.66 -2.93
CA PRO A 191 12.85 3.78 -1.90
C PRO A 191 13.09 4.51 -0.57
N GLU A 192 13.58 5.75 -0.63
CA GLU A 192 13.83 6.54 0.58
C GLU A 192 12.58 6.70 1.44
N LEU A 193 11.40 6.81 0.79
CA LEU A 193 10.12 6.90 1.49
C LEU A 193 9.76 5.58 2.16
N ILE A 194 10.02 4.46 1.46
CA ILE A 194 9.78 3.13 2.00
C ILE A 194 10.66 2.90 3.24
N PHE A 195 11.92 3.36 3.15
CA PHE A 195 12.88 3.27 4.25
C PHE A 195 12.62 4.29 5.37
N GLY A 196 11.57 5.09 5.23
CA GLY A 196 11.09 6.00 6.27
C GLY A 196 11.86 7.30 6.43
N ALA A 197 12.59 7.70 5.39
CA ALA A 197 13.34 8.96 5.36
C ALA A 197 12.40 10.14 5.55
N THR A 198 12.84 11.14 6.33
CA THR A 198 12.11 12.39 6.51
C THR A 198 12.86 13.61 5.95
N ASP A 199 14.02 13.36 5.32
CA ASP A 199 14.86 14.40 4.73
C ASP A 199 14.93 14.29 3.20
N TYR A 200 13.88 13.74 2.61
CA TYR A 200 13.75 13.54 1.14
C TYR A 200 13.55 14.89 0.45
N THR A 201 13.80 14.93 -0.86
CA THR A 201 13.69 16.14 -1.68
C THR A 201 12.61 15.93 -2.75
N SER A 202 12.48 16.91 -3.65
CA SER A 202 11.56 16.84 -4.78
C SER A 202 11.81 15.68 -5.74
N SER A 203 12.99 15.04 -5.64
CA SER A 203 13.34 13.90 -6.48
C SER A 203 12.46 12.65 -6.28
N ILE A 204 11.64 12.64 -5.23
CA ILE A 204 10.65 11.57 -5.03
C ILE A 204 9.61 11.56 -6.17
N ASP A 205 9.24 12.77 -6.63
CA ASP A 205 8.32 12.94 -7.76
C ASP A 205 8.90 12.37 -9.06
N VAL A 206 10.23 12.48 -9.22
CA VAL A 206 10.93 11.96 -10.38
C VAL A 206 10.89 10.44 -10.41
N TRP A 207 11.11 9.81 -9.25
CA TRP A 207 10.97 8.37 -9.10
C TRP A 207 9.55 7.93 -9.49
N SER A 208 8.55 8.63 -8.92
CA SER A 208 7.15 8.34 -9.18
C SER A 208 6.82 8.45 -10.67
N ALA A 209 7.34 9.50 -11.32
CA ALA A 209 7.18 9.72 -12.76
C ALA A 209 7.82 8.57 -13.55
N GLY A 210 8.99 8.13 -13.11
CA GLY A 210 9.66 6.96 -13.67
C GLY A 210 8.83 5.69 -13.60
N CYS A 211 8.09 5.54 -12.48
CA CYS A 211 7.20 4.40 -12.29
C CYS A 211 6.03 4.45 -13.25
N VAL A 212 5.53 5.66 -13.54
CA VAL A 212 4.45 5.87 -14.51
C VAL A 212 4.93 5.51 -15.92
N LEU A 213 6.13 5.97 -16.29
CA LEU A 213 6.73 5.69 -17.59
C LEU A 213 6.81 4.19 -17.82
N ALA A 214 7.46 3.48 -16.90
CA ALA A 214 7.62 2.03 -16.96
C ALA A 214 6.28 1.31 -17.08
N GLU A 215 5.28 1.78 -16.32
CA GLU A 215 3.94 1.22 -16.32
C GLU A 215 3.26 1.36 -17.69
N LEU A 216 3.42 2.53 -18.31
CA LEU A 216 2.88 2.79 -19.65
C LEU A 216 3.56 1.90 -20.70
N LEU A 217 4.85 1.62 -20.52
CA LEU A 217 5.60 0.74 -21.41
C LEU A 217 5.25 -0.74 -21.18
N LEU A 218 5.19 -1.14 -19.90
CA LEU A 218 4.93 -2.54 -19.51
C LEU A 218 3.48 -2.96 -19.64
N GLY A 219 2.55 -2.03 -19.43
CA GLY A 219 1.12 -2.32 -19.38
C GLY A 219 0.66 -2.75 -18.01
N GLN A 220 1.54 -2.62 -17.00
CA GLN A 220 1.22 -2.92 -15.61
C GLN A 220 2.26 -2.30 -14.68
N PRO A 221 1.95 -2.08 -13.38
CA PRO A 221 2.91 -1.50 -12.44
C PRO A 221 4.23 -2.28 -12.39
N ILE A 222 5.37 -1.57 -12.38
CA ILE A 222 6.69 -2.20 -12.38
C ILE A 222 7.13 -2.68 -10.98
N PHE A 223 6.74 -1.95 -9.92
CA PHE A 223 7.10 -2.29 -8.55
C PHE A 223 5.89 -2.51 -7.65
N PRO A 224 5.06 -3.55 -7.91
CA PRO A 224 3.89 -3.84 -7.08
C PRO A 224 4.24 -4.55 -5.77
N GLY A 225 3.28 -4.62 -4.85
CA GLY A 225 3.47 -5.25 -3.56
C GLY A 225 2.58 -4.63 -2.49
N ASP A 226 1.94 -5.48 -1.68
CA ASP A 226 1.04 -5.05 -0.62
C ASP A 226 1.79 -4.47 0.59
N SER A 227 3.07 -4.83 0.74
CA SER A 227 3.93 -4.30 1.79
C SER A 227 5.14 -3.60 1.18
N GLY A 228 5.82 -2.79 2.00
CA GLY A 228 7.06 -2.15 1.62
C GLY A 228 8.13 -3.17 1.26
N VAL A 229 8.16 -4.28 2.00
CA VAL A 229 9.12 -5.36 1.79
C VAL A 229 8.95 -5.96 0.38
N ASP A 230 7.69 -6.25 0.02
CA ASP A 230 7.38 -6.81 -1.29
C ASP A 230 7.83 -5.86 -2.42
N GLN A 231 7.53 -4.56 -2.24
CA GLN A 231 7.91 -3.51 -3.18
C GLN A 231 9.43 -3.45 -3.37
N LEU A 232 10.18 -3.45 -2.26
CA LEU A 232 11.64 -3.40 -2.30
C LEU A 232 12.26 -4.58 -3.03
N VAL A 233 11.67 -5.78 -2.85
CA VAL A 233 12.11 -6.98 -3.54
C VAL A 233 11.98 -6.82 -5.06
N GLU A 234 10.83 -6.28 -5.49
CA GLU A 234 10.57 -6.00 -6.91
C GLU A 234 11.53 -4.94 -7.46
N ILE A 235 11.91 -3.98 -6.61
CA ILE A 235 12.88 -2.94 -6.97
C ILE A 235 14.28 -3.53 -7.11
N ILE A 236 14.68 -4.33 -6.12
CA ILE A 236 15.97 -5.02 -6.10
C ILE A 236 16.11 -6.02 -7.26
N LYS A 237 14.99 -6.64 -7.65
CA LYS A 237 14.95 -7.52 -8.82
C LYS A 237 15.37 -6.84 -10.12
N VAL A 238 15.11 -5.52 -10.22
CA VAL A 238 15.41 -4.74 -11.41
C VAL A 238 16.71 -3.95 -11.24
N LEU A 239 16.80 -3.14 -10.17
CA LEU A 239 17.95 -2.27 -9.93
C LEU A 239 19.17 -2.99 -9.36
N GLY A 240 18.96 -4.19 -8.82
CA GLY A 240 19.98 -4.92 -8.10
C GLY A 240 20.01 -4.49 -6.65
N THR A 241 20.82 -5.19 -5.84
CA THR A 241 20.94 -4.90 -4.41
C THR A 241 21.62 -3.56 -4.22
N PRO A 242 21.05 -2.63 -3.43
CA PRO A 242 21.67 -1.32 -3.19
C PRO A 242 22.94 -1.45 -2.34
N THR A 243 24.01 -0.74 -2.74
CA THR A 243 25.27 -0.72 -2.01
C THR A 243 25.07 0.08 -0.72
N ARG A 244 25.90 -0.21 0.29
CA ARG A 244 25.88 0.49 1.61
C ARG A 244 25.93 2.00 1.38
N GLU A 245 26.73 2.44 0.39
CA GLU A 245 26.78 3.83 -0.04
C GLU A 245 25.39 4.35 -0.43
N GLN A 246 24.72 3.62 -1.34
CA GLN A 246 23.38 3.98 -1.82
C GLN A 246 22.33 3.98 -0.72
N ILE A 247 22.47 3.08 0.27
CA ILE A 247 21.56 2.98 1.40
C ILE A 247 21.58 4.25 2.24
N ARG A 248 22.78 4.75 2.52
CA ARG A 248 23.02 5.94 3.39
C ARG A 248 22.42 7.19 2.74
N GLU A 249 22.55 7.33 1.42
CA GLU A 249 22.01 8.48 0.67
C GLU A 249 20.48 8.50 0.63
N MET A 250 19.86 7.31 0.69
CA MET A 250 18.41 7.17 0.79
C MET A 250 17.93 7.51 2.20
N ASN A 251 18.68 7.05 3.21
CA ASN A 251 18.62 7.53 4.60
C ASN A 251 17.62 6.81 5.49
N PRO A 252 17.77 5.47 5.69
CA PRO A 252 17.11 4.77 6.78
C PRO A 252 17.82 5.05 8.11
N ASN A 253 19.16 5.15 8.07
CA ASN A 253 20.02 5.22 9.25
C ASN A 253 19.90 3.93 10.10
N TYR A 254 19.35 4.06 11.31
CA TYR A 254 19.17 2.97 12.31
C TYR A 254 18.03 2.07 11.84
N THR A 255 18.33 0.80 11.55
CA THR A 255 17.40 -0.26 11.13
C THR A 255 18.15 -1.25 10.22
N GLU A 256 18.32 -2.49 10.69
CA GLU A 256 19.12 -3.52 10.00
C GLU A 256 18.87 -3.58 8.49
N PHE A 257 19.89 -4.06 7.76
CA PHE A 257 19.88 -4.08 6.30
C PHE A 257 19.18 -5.35 5.81
N LYS A 258 19.96 -6.33 5.35
CA LYS A 258 19.52 -7.72 5.13
C LYS A 258 18.52 -7.97 3.99
N PHE A 259 18.91 -7.62 2.77
CA PHE A 259 18.14 -7.94 1.56
C PHE A 259 18.84 -9.05 0.77
N PRO A 260 18.10 -9.80 -0.07
CA PRO A 260 18.72 -10.80 -0.96
C PRO A 260 19.81 -10.18 -1.86
N GLN A 261 20.99 -10.80 -1.88
CA GLN A 261 22.14 -10.33 -2.67
C GLN A 261 21.95 -10.71 -4.14
N ILE A 262 21.15 -9.90 -4.86
CA ILE A 262 20.78 -10.16 -6.25
C ILE A 262 21.48 -9.17 -7.21
N LYS A 263 21.91 -9.70 -8.36
CA LYS A 263 22.64 -8.94 -9.38
C LYS A 263 21.71 -8.02 -10.17
N ALA A 264 22.30 -6.99 -10.80
CA ALA A 264 21.56 -6.02 -11.62
C ALA A 264 21.00 -6.66 -12.89
N HIS A 265 19.70 -6.95 -12.87
CA HIS A 265 18.94 -7.49 -14.01
C HIS A 265 18.92 -6.44 -15.12
N PRO A 266 19.60 -6.68 -16.28
CA PRO A 266 19.78 -5.64 -17.29
C PRO A 266 18.44 -5.09 -17.80
N TRP A 267 18.34 -3.76 -17.90
CA TRP A 267 17.09 -3.06 -18.19
C TRP A 267 16.37 -3.48 -19.49
N THR A 268 17.13 -3.96 -20.47
CA THR A 268 16.58 -4.35 -21.77
C THR A 268 15.62 -5.54 -21.67
N LYS A 269 15.92 -6.48 -20.78
CA LYS A 269 15.09 -7.67 -20.54
C LYS A 269 13.86 -7.42 -19.66
N VAL A 270 13.76 -6.21 -19.09
CA VAL A 270 12.61 -5.81 -18.28
C VAL A 270 11.37 -5.58 -19.16
N PHE A 271 11.58 -4.90 -20.29
CA PHE A 271 10.51 -4.53 -21.21
C PHE A 271 10.42 -5.49 -22.39
N ARG A 272 9.33 -5.40 -23.15
CA ARG A 272 9.04 -6.28 -24.32
C ARG A 272 10.04 -5.96 -25.44
N PRO A 273 10.22 -6.87 -26.43
CA PRO A 273 11.36 -6.81 -27.35
C PRO A 273 11.56 -5.48 -28.09
N ARG A 274 10.51 -4.92 -28.70
CA ARG A 274 10.60 -3.75 -29.62
C ARG A 274 10.30 -2.44 -28.87
N THR A 275 10.58 -2.40 -27.56
CA THR A 275 10.46 -1.18 -26.76
C THR A 275 11.59 -0.23 -27.14
N PRO A 276 11.30 1.03 -27.52
CA PRO A 276 12.35 1.99 -27.90
C PRO A 276 13.51 2.04 -26.91
N PRO A 277 14.77 1.91 -27.38
CA PRO A 277 15.93 1.97 -26.48
C PRO A 277 16.02 3.24 -25.62
N GLU A 278 15.55 4.38 -26.15
CA GLU A 278 15.62 5.66 -25.45
C GLU A 278 14.64 5.72 -24.28
N ALA A 279 13.48 5.08 -24.44
CA ALA A 279 12.49 4.92 -23.37
C ALA A 279 13.10 4.18 -22.19
N ILE A 280 13.84 3.11 -22.48
CA ILE A 280 14.51 2.29 -21.48
C ILE A 280 15.64 3.06 -20.82
N ALA A 281 16.42 3.78 -21.63
CA ALA A 281 17.50 4.64 -21.15
C ALA A 281 16.97 5.69 -20.17
N LEU A 282 15.85 6.32 -20.52
CA LEU A 282 15.20 7.32 -19.67
C LEU A 282 14.79 6.73 -18.31
N CYS A 283 14.16 5.54 -18.33
CA CYS A 283 13.76 4.83 -17.11
C CYS A 283 14.91 4.64 -16.15
N SER A 284 16.05 4.15 -16.67
CA SER A 284 17.23 3.85 -15.87
C SER A 284 17.81 5.08 -15.17
N ARG A 285 17.59 6.26 -15.76
CA ARG A 285 18.10 7.56 -15.26
C ARG A 285 17.06 8.24 -14.35
N LEU A 286 15.82 7.74 -14.34
CA LEU A 286 14.78 8.21 -13.44
C LEU A 286 14.70 7.34 -12.18
N LEU A 287 14.74 6.02 -12.38
CA LEU A 287 14.62 5.05 -11.30
C LEU A 287 16.00 4.66 -10.78
N GLU A 288 16.61 5.58 -10.01
CA GLU A 288 17.90 5.40 -9.37
C GLU A 288 17.72 5.41 -7.86
N TYR A 289 18.50 4.57 -7.15
CA TYR A 289 18.53 4.51 -5.67
C TYR A 289 18.93 5.88 -5.11
N THR A 290 20.12 6.36 -5.51
CA THR A 290 20.64 7.64 -5.07
C THR A 290 19.73 8.77 -5.58
N PRO A 291 19.03 9.50 -4.68
CA PRO A 291 18.09 10.55 -5.10
C PRO A 291 18.72 11.63 -5.99
N THR A 292 19.91 12.11 -5.63
CA THR A 292 20.62 13.16 -6.36
C THR A 292 21.11 12.72 -7.73
N ALA A 293 21.22 11.40 -7.94
CA ALA A 293 21.64 10.81 -9.21
C ALA A 293 20.56 10.82 -10.28
N ARG A 294 19.30 10.96 -9.88
CA ARG A 294 18.12 10.97 -10.80
C ARG A 294 18.13 12.26 -11.61
N LEU A 295 17.63 12.22 -12.85
CA LEU A 295 17.45 13.40 -13.68
C LEU A 295 16.52 14.38 -12.98
N THR A 296 16.72 15.68 -13.24
CA THR A 296 15.76 16.70 -12.88
C THR A 296 14.62 16.64 -13.91
N PRO A 297 13.41 17.11 -13.57
CA PRO A 297 12.31 17.18 -14.54
C PRO A 297 12.73 17.83 -15.87
N LEU A 298 13.45 18.95 -15.80
CA LEU A 298 13.85 19.71 -16.99
C LEU A 298 14.84 18.94 -17.87
N GLU A 299 15.76 18.21 -17.23
CA GLU A 299 16.70 17.32 -17.92
C GLU A 299 15.98 16.17 -18.65
N ALA A 300 14.89 15.69 -18.04
CA ALA A 300 14.06 14.64 -18.62
C ALA A 300 13.40 15.13 -19.91
N CYS A 301 12.78 16.32 -19.84
CA CYS A 301 12.19 16.98 -21.01
C CYS A 301 13.15 17.04 -22.22
N ALA A 302 14.43 17.29 -21.93
CA ALA A 302 15.47 17.42 -22.95
C ALA A 302 16.12 16.09 -23.36
N HIS A 303 15.63 14.97 -22.80
CA HIS A 303 16.12 13.64 -23.11
C HIS A 303 15.72 13.28 -24.54
N SER A 304 16.55 12.45 -25.19
CA SER A 304 16.37 12.12 -26.62
C SER A 304 15.08 11.34 -26.91
N PHE A 305 14.53 10.67 -25.89
CA PHE A 305 13.24 9.98 -25.98
C PHE A 305 12.12 10.89 -26.49
N PHE A 306 12.22 12.20 -26.18
CA PHE A 306 11.23 13.19 -26.58
C PHE A 306 11.54 13.95 -27.88
N ASP A 307 12.58 13.51 -28.61
CA ASP A 307 13.01 14.15 -29.86
C ASP A 307 11.88 14.24 -30.91
N GLU A 308 11.12 13.16 -31.06
CA GLU A 308 9.99 13.11 -31.99
C GLU A 308 9.03 14.29 -31.79
N LEU A 309 8.84 14.70 -30.53
CA LEU A 309 7.93 15.81 -30.20
C LEU A 309 8.44 17.15 -30.73
N ARG A 310 9.77 17.27 -30.85
CA ARG A 310 10.46 18.51 -31.29
C ARG A 310 10.61 18.51 -32.82
N ASP A 311 10.32 17.39 -33.48
CA ASP A 311 10.30 17.29 -34.94
C ASP A 311 9.21 18.21 -35.48
N PRO A 312 9.50 19.07 -36.48
CA PRO A 312 8.51 20.05 -36.96
C PRO A 312 7.28 19.44 -37.66
N ASN A 313 7.39 18.21 -38.16
CA ASN A 313 6.30 17.56 -38.89
C ASN A 313 5.37 16.67 -38.04
N VAL A 314 5.70 16.53 -36.75
CA VAL A 314 4.93 15.70 -35.82
C VAL A 314 3.48 16.20 -35.70
N LYS A 315 2.54 15.26 -35.72
CA LYS A 315 1.11 15.54 -35.51
C LYS A 315 0.49 14.42 -34.70
N LEU A 316 -0.67 14.69 -34.09
CA LEU A 316 -1.41 13.68 -33.35
C LEU A 316 -1.98 12.63 -34.30
N PRO A 317 -2.17 11.37 -33.85
CA PRO A 317 -2.81 10.35 -34.68
C PRO A 317 -4.19 10.75 -35.23
N ASN A 318 -4.93 11.60 -34.51
CA ASN A 318 -6.25 12.08 -34.95
C ASN A 318 -6.20 13.26 -35.94
N GLY A 319 -5.00 13.60 -36.41
CA GLY A 319 -4.81 14.62 -37.44
C GLY A 319 -4.44 16.01 -36.93
N ARG A 320 -4.86 16.32 -35.70
CA ARG A 320 -4.66 17.65 -35.06
C ARG A 320 -3.17 17.89 -34.81
N ASP A 321 -2.79 19.16 -34.62
CA ASP A 321 -1.47 19.52 -34.14
C ASP A 321 -1.30 19.08 -32.70
N THR A 322 -0.04 18.91 -32.29
CA THR A 322 0.31 18.63 -30.91
C THR A 322 -0.10 19.84 -30.07
N PRO A 323 -0.30 19.65 -28.74
CA PRO A 323 -0.54 20.79 -27.85
C PRO A 323 0.74 21.64 -27.71
N ALA A 324 0.65 22.76 -27.01
CA ALA A 324 1.79 23.62 -26.75
C ALA A 324 2.83 22.88 -25.90
N LEU A 325 4.02 22.68 -26.46
CA LEU A 325 5.11 21.94 -25.81
C LEU A 325 6.35 22.77 -25.54
N PHE A 326 6.43 23.97 -26.13
CA PHE A 326 7.65 24.77 -26.18
C PHE A 326 7.58 26.18 -25.57
N ASN A 327 6.39 26.57 -25.11
CA ASN A 327 6.18 27.90 -24.52
C ASN A 327 6.73 28.00 -23.09
N PHE A 328 8.03 27.73 -22.93
CA PHE A 328 8.71 27.77 -21.64
C PHE A 328 8.85 29.21 -21.14
N THR A 329 8.73 29.40 -19.82
CA THR A 329 9.00 30.68 -19.16
C THR A 329 10.37 30.62 -18.48
N THR A 330 10.84 31.78 -18.03
CA THR A 330 12.10 31.92 -17.29
C THR A 330 12.05 31.13 -15.99
N GLN A 331 10.92 31.25 -15.28
CA GLN A 331 10.62 30.50 -14.07
C GLN A 331 10.83 29.00 -14.30
N GLU A 332 10.17 28.49 -15.35
CA GLU A 332 10.17 27.08 -15.71
C GLU A 332 11.55 26.53 -16.09
N LEU A 333 12.41 27.42 -16.60
CA LEU A 333 13.76 27.06 -17.08
C LEU A 333 14.88 27.36 -16.07
N SER A 334 14.52 27.99 -14.95
CA SER A 334 15.48 28.50 -13.96
C SER A 334 16.45 27.46 -13.42
N SER A 335 15.99 26.21 -13.29
CA SER A 335 16.85 25.11 -12.83
C SER A 335 18.11 24.97 -13.71
N ASN A 336 17.97 25.22 -15.02
CA ASN A 336 19.06 25.06 -15.99
C ASN A 336 18.76 25.78 -17.31
N PRO A 337 18.93 27.11 -17.37
CA PRO A 337 18.56 27.89 -18.57
C PRO A 337 19.22 27.44 -19.88
N PRO A 338 20.53 27.09 -19.90
CA PRO A 338 21.16 26.56 -21.12
C PRO A 338 20.39 25.47 -21.88
N LEU A 339 19.52 24.72 -21.19
CA LEU A 339 18.72 23.66 -21.82
C LEU A 339 17.69 24.17 -22.84
N ALA A 340 17.36 25.46 -22.78
CA ALA A 340 16.46 26.10 -23.74
C ALA A 340 16.85 25.85 -25.20
N THR A 341 18.16 25.72 -25.45
CA THR A 341 18.69 25.48 -26.80
C THR A 341 18.29 24.10 -27.36
N ILE A 342 17.95 23.17 -26.46
CA ILE A 342 17.38 21.87 -26.83
C ILE A 342 15.86 21.88 -26.73
N LEU A 343 15.33 22.44 -25.62
CA LEU A 343 13.90 22.39 -25.30
C LEU A 343 13.03 23.15 -26.29
N ILE A 344 13.48 24.34 -26.71
CA ILE A 344 12.78 25.17 -27.70
C ILE A 344 13.43 24.97 -29.07
N PRO A 345 12.84 24.16 -29.97
CA PRO A 345 13.47 23.84 -31.26
C PRO A 345 13.35 24.99 -32.26
N PRO A 346 14.21 25.01 -33.31
CA PRO A 346 14.24 26.11 -34.29
C PRO A 346 12.85 26.56 -34.77
N HIS A 347 11.99 25.62 -35.17
CA HIS A 347 10.69 25.94 -35.75
C HIS A 347 9.68 26.56 -34.77
N ALA A 348 10.01 26.52 -33.47
CA ALA A 348 9.14 27.09 -32.43
C ALA A 348 9.46 28.55 -32.15
N SER B 1 2.78 -40.92 -14.30
CA SER B 1 3.04 -40.70 -12.84
C SER B 1 4.51 -40.33 -12.59
N LYS B 2 4.81 -39.02 -12.61
CA LYS B 2 6.13 -38.49 -12.30
C LYS B 2 6.32 -38.39 -10.77
N VAL B 3 7.49 -38.84 -10.30
CA VAL B 3 7.81 -38.90 -8.87
C VAL B 3 9.16 -38.24 -8.59
N THR B 4 9.18 -37.30 -7.66
CA THR B 4 10.40 -36.67 -7.14
C THR B 4 10.66 -37.25 -5.75
N THR B 5 11.88 -37.77 -5.55
CA THR B 5 12.29 -38.32 -4.27
C THR B 5 13.48 -37.54 -3.71
N VAL B 6 13.32 -37.06 -2.46
CA VAL B 6 14.33 -36.27 -1.77
C VAL B 6 14.56 -36.82 -0.37
N VAL B 7 15.71 -36.48 0.21
CA VAL B 7 16.04 -36.77 1.59
C VAL B 7 15.86 -35.48 2.38
N ALA B 8 14.78 -35.42 3.17
CA ALA B 8 14.39 -34.21 3.91
C ALA B 8 14.50 -34.38 5.42
N THR B 9 14.69 -33.25 6.11
CA THR B 9 14.77 -33.18 7.57
C THR B 9 13.40 -32.84 8.15
N PRO B 10 12.87 -33.61 9.12
CA PRO B 10 11.64 -33.24 9.83
C PRO B 10 11.70 -31.85 10.48
N GLY B 11 10.57 -31.15 10.53
CA GLY B 11 10.48 -29.82 11.11
C GLY B 11 10.63 -29.84 12.61
N GLN B 12 9.83 -30.69 13.28
CA GLN B 12 9.74 -30.75 14.74
C GLN B 12 10.80 -31.60 15.44
N GLY B 13 10.84 -32.90 15.12
CA GLY B 13 11.53 -33.88 15.93
C GLY B 13 13.05 -33.84 15.81
N PRO B 14 13.76 -34.89 16.29
CA PRO B 14 15.22 -34.97 16.18
C PRO B 14 15.69 -35.05 14.72
N ASP B 15 16.89 -34.54 14.44
CA ASP B 15 17.43 -34.43 13.07
C ASP B 15 17.72 -35.82 12.48
N ARG B 16 16.67 -36.49 12.01
CA ARG B 16 16.66 -37.88 11.50
C ARG B 16 16.15 -37.86 10.05
N PRO B 17 17.06 -37.85 9.05
CA PRO B 17 16.68 -37.66 7.65
C PRO B 17 15.69 -38.73 7.14
N GLN B 18 14.81 -38.34 6.21
CA GLN B 18 13.72 -39.19 5.74
C GLN B 18 13.66 -39.09 4.24
N GLU B 19 13.45 -40.22 3.57
CA GLU B 19 13.13 -40.24 2.14
C GLU B 19 11.67 -39.84 1.98
N VAL B 20 11.44 -38.80 1.17
CA VAL B 20 10.10 -38.31 0.88
C VAL B 20 9.92 -38.27 -0.63
N SER B 21 8.94 -39.04 -1.13
CA SER B 21 8.56 -39.05 -2.53
C SER B 21 7.20 -38.41 -2.67
N TYR B 22 7.09 -37.45 -3.60
CA TYR B 22 5.84 -36.70 -3.88
C TYR B 22 5.61 -36.59 -5.38
N THR B 23 4.35 -36.39 -5.77
CA THR B 23 3.91 -36.37 -7.15
C THR B 23 2.81 -35.32 -7.32
N ASP B 24 2.28 -35.20 -8.55
CA ASP B 24 1.23 -34.23 -8.92
C ASP B 24 1.66 -32.80 -8.57
N THR B 25 2.92 -32.48 -8.85
CA THR B 25 3.49 -31.18 -8.55
C THR B 25 2.90 -30.15 -9.50
N LYS B 26 2.47 -29.00 -8.94
CA LYS B 26 1.89 -27.90 -9.68
C LYS B 26 2.08 -26.59 -8.93
N VAL B 27 2.26 -25.50 -9.68
CA VAL B 27 2.45 -24.17 -9.09
C VAL B 27 1.09 -23.65 -8.61
N ILE B 28 1.08 -23.06 -7.41
CA ILE B 28 -0.11 -22.47 -6.83
C ILE B 28 0.12 -21.05 -6.29
N GLY B 29 1.16 -20.38 -6.81
CA GLY B 29 1.46 -19.01 -6.44
C GLY B 29 2.93 -18.64 -6.47
N ASN B 30 3.18 -17.33 -6.60
CA ASN B 30 4.50 -16.73 -6.49
C ASN B 30 4.46 -15.76 -5.32
N GLY B 31 5.09 -16.15 -4.20
CA GLY B 31 5.05 -15.40 -2.96
C GLY B 31 6.12 -14.33 -2.80
N SER B 32 6.55 -13.73 -3.93
CA SER B 32 7.57 -12.68 -3.98
C SER B 32 8.97 -13.24 -3.67
N PHE B 33 9.10 -13.87 -2.50
CA PHE B 33 10.35 -14.51 -2.05
C PHE B 33 10.71 -15.69 -2.96
N GLY B 34 9.68 -16.33 -3.54
CA GLY B 34 9.85 -17.45 -4.45
C GLY B 34 8.52 -18.08 -4.82
N VAL B 35 8.59 -19.32 -5.31
CA VAL B 35 7.43 -20.07 -5.79
C VAL B 35 6.87 -20.98 -4.69
N VAL B 36 5.56 -21.22 -4.74
CA VAL B 36 4.87 -22.16 -3.87
C VAL B 36 4.17 -23.22 -4.74
N TYR B 37 4.57 -24.48 -4.57
CA TYR B 37 4.03 -25.66 -5.31
C TYR B 37 3.04 -26.41 -4.41
N GLN B 38 2.11 -27.14 -5.02
CA GLN B 38 1.31 -28.15 -4.34
C GLN B 38 1.77 -29.50 -4.85
N ALA B 39 1.80 -30.49 -3.95
CA ALA B 39 2.19 -31.85 -4.28
C ALA B 39 1.45 -32.85 -3.42
N LYS B 40 1.45 -34.12 -3.86
CA LYS B 40 0.85 -35.23 -3.14
C LYS B 40 1.95 -36.21 -2.75
N LEU B 41 2.00 -36.54 -1.44
CA LEU B 41 2.96 -37.51 -0.91
C LEU B 41 2.52 -38.91 -1.37
N CYS B 42 3.45 -39.65 -1.97
CA CYS B 42 3.17 -40.93 -2.62
C CYS B 42 2.60 -41.98 -1.66
N ASP B 43 3.25 -42.14 -0.50
CA ASP B 43 2.85 -43.13 0.49
C ASP B 43 1.42 -42.95 1.01
N SER B 44 1.17 -41.81 1.67
CA SER B 44 -0.09 -41.52 2.36
C SER B 44 -1.17 -40.89 1.48
N GLY B 45 -0.75 -40.25 0.39
CA GLY B 45 -1.65 -39.55 -0.51
C GLY B 45 -2.06 -38.17 0.01
N GLU B 46 -1.41 -37.71 1.08
CA GLU B 46 -1.69 -36.43 1.70
C GLU B 46 -1.10 -35.30 0.87
N LEU B 47 -1.80 -34.16 0.85
CA LEU B 47 -1.39 -32.99 0.08
C LEU B 47 -0.46 -32.10 0.90
N VAL B 48 0.55 -31.55 0.23
CA VAL B 48 1.50 -30.61 0.84
C VAL B 48 1.72 -29.41 -0.06
N ALA B 49 2.13 -28.30 0.55
CA ALA B 49 2.59 -27.12 -0.15
C ALA B 49 4.09 -27.01 0.04
N ILE B 50 4.84 -26.84 -1.06
CA ILE B 50 6.29 -26.67 -1.01
C ILE B 50 6.67 -25.23 -1.35
N LYS B 51 7.22 -24.53 -0.36
CA LYS B 51 7.64 -23.14 -0.49
C LYS B 51 9.13 -23.11 -0.82
N LYS B 52 9.45 -22.87 -2.10
CA LYS B 52 10.82 -22.82 -2.59
C LYS B 52 11.36 -21.40 -2.52
N VAL B 53 12.48 -21.22 -1.81
CA VAL B 53 13.07 -19.92 -1.55
C VAL B 53 14.58 -19.98 -1.74
N LEU B 54 15.15 -18.94 -2.36
CA LEU B 54 16.58 -18.83 -2.60
C LEU B 54 17.33 -18.71 -1.28
N GLN B 55 18.32 -19.57 -1.08
CA GLN B 55 19.09 -19.61 0.16
C GLN B 55 20.25 -18.62 0.11
N ASP B 56 20.33 -17.75 1.12
CA ASP B 56 21.28 -16.65 1.17
C ASP B 56 22.74 -17.07 1.41
N LYS B 57 22.95 -18.27 1.97
CA LYS B 57 24.27 -18.85 2.21
C LYS B 57 25.13 -18.04 3.21
N ARG B 58 25.04 -16.71 3.16
CA ARG B 58 25.64 -15.77 4.14
C ARG B 58 25.16 -16.11 5.55
N PHE B 59 23.83 -16.08 5.76
CA PHE B 59 23.19 -16.43 7.03
C PHE B 59 22.12 -17.47 6.80
N LYS B 60 21.76 -18.20 7.86
CA LYS B 60 20.69 -19.19 7.83
C LYS B 60 19.34 -18.49 7.71
N ASN B 61 18.37 -19.20 7.11
CA ASN B 61 17.05 -18.67 6.84
C ASN B 61 16.24 -18.46 8.13
N ARG B 62 15.85 -17.20 8.37
CA ARG B 62 15.16 -16.77 9.62
C ARG B 62 13.78 -17.44 9.73
N GLU B 63 13.07 -17.59 8.60
CA GLU B 63 11.77 -18.23 8.57
C GLU B 63 11.89 -19.67 9.07
N LEU B 64 12.87 -20.40 8.54
CA LEU B 64 13.13 -21.79 8.91
C LEU B 64 13.42 -21.93 10.41
N GLN B 65 14.33 -21.10 10.93
CA GLN B 65 14.74 -21.15 12.34
C GLN B 65 13.57 -20.93 13.28
N ILE B 66 12.66 -20.02 12.90
CA ILE B 66 11.45 -19.74 13.66
C ILE B 66 10.47 -20.91 13.57
N MET B 67 10.24 -21.41 12.36
CA MET B 67 9.30 -22.50 12.09
C MET B 67 9.59 -23.80 12.84
N ARG B 68 10.89 -24.09 13.03
CA ARG B 68 11.38 -25.32 13.70
C ARG B 68 11.11 -25.25 15.21
N LYS B 69 11.05 -24.05 15.78
CA LYS B 69 10.73 -23.86 17.19
C LYS B 69 9.23 -23.96 17.50
N LEU B 70 8.39 -23.68 16.50
CA LEU B 70 6.95 -23.56 16.67
C LEU B 70 6.23 -24.91 16.51
N ASP B 71 5.32 -25.19 17.44
CA ASP B 71 4.52 -26.41 17.45
C ASP B 71 3.18 -26.09 18.12
N HIS B 72 2.13 -25.91 17.31
CA HIS B 72 0.83 -25.43 17.77
C HIS B 72 -0.27 -25.78 16.76
N CYS B 73 -1.47 -26.05 17.28
CA CYS B 73 -2.61 -26.49 16.48
C CYS B 73 -3.12 -25.42 15.50
N ASN B 74 -2.84 -24.15 15.80
CA ASN B 74 -3.27 -23.00 14.98
C ASN B 74 -2.12 -22.32 14.24
N ILE B 75 -1.08 -23.09 13.91
CA ILE B 75 0.05 -22.62 13.12
C ILE B 75 0.37 -23.70 12.09
N VAL B 76 0.56 -23.27 10.83
CA VAL B 76 0.82 -24.17 9.73
C VAL B 76 1.99 -25.09 10.09
N ARG B 77 1.82 -26.38 9.80
CA ARG B 77 2.76 -27.48 10.19
C ARG B 77 3.88 -27.58 9.15
N LEU B 78 5.13 -27.42 9.59
CA LEU B 78 6.30 -27.72 8.79
C LEU B 78 6.60 -29.20 8.96
N ARG B 79 6.23 -30.01 7.95
CA ARG B 79 6.44 -31.47 7.94
C ARG B 79 7.93 -31.78 7.71
N TYR B 80 8.51 -31.21 6.63
CA TYR B 80 9.93 -31.43 6.23
C TYR B 80 10.52 -30.13 5.69
N PHE B 81 11.85 -30.09 5.61
CA PHE B 81 12.57 -29.12 4.80
C PHE B 81 13.79 -29.79 4.17
N PHE B 82 14.09 -29.40 2.93
CA PHE B 82 15.26 -29.89 2.21
C PHE B 82 15.80 -28.80 1.30
N TYR B 83 17.08 -28.95 0.91
CA TYR B 83 17.80 -28.03 0.00
C TYR B 83 17.90 -28.65 -1.40
N SER B 84 17.86 -27.80 -2.42
CA SER B 84 17.97 -28.23 -3.82
C SER B 84 18.49 -27.06 -4.66
N SER B 85 18.58 -27.27 -5.98
CA SER B 85 18.97 -26.24 -6.93
C SER B 85 18.21 -26.43 -8.25
N GLY B 86 17.01 -25.86 -8.32
CA GLY B 86 16.22 -25.81 -9.54
C GLY B 86 16.74 -24.70 -10.42
N GLU B 87 17.40 -25.09 -11.52
CA GLU B 87 18.17 -24.20 -12.43
C GLU B 87 19.03 -23.17 -11.64
N LYS B 88 19.32 -22.03 -12.26
CA LYS B 88 20.06 -20.93 -11.64
C LYS B 88 21.51 -21.34 -11.33
N LYS B 89 22.31 -21.46 -12.39
CA LYS B 89 23.73 -21.85 -12.36
C LYS B 89 24.24 -22.59 -11.10
N ASP B 90 24.44 -21.83 -10.01
CA ASP B 90 25.12 -22.32 -8.80
C ASP B 90 24.38 -21.94 -7.50
N GLU B 91 23.07 -21.68 -7.60
CA GLU B 91 22.27 -21.20 -6.48
C GLU B 91 21.54 -22.31 -5.72
N VAL B 92 21.58 -22.22 -4.38
CA VAL B 92 20.92 -23.15 -3.48
C VAL B 92 19.53 -22.61 -3.11
N TYR B 93 18.53 -23.50 -3.12
CA TYR B 93 17.12 -23.21 -2.76
C TYR B 93 16.74 -24.01 -1.50
N LEU B 94 16.12 -23.33 -0.52
CA LEU B 94 15.51 -23.97 0.64
C LEU B 94 14.04 -24.26 0.31
N ASN B 95 13.61 -25.50 0.57
CA ASN B 95 12.24 -25.95 0.33
C ASN B 95 11.55 -26.29 1.65
N LEU B 96 10.48 -25.55 1.97
CA LEU B 96 9.66 -25.81 3.14
C LEU B 96 8.43 -26.62 2.73
N VAL B 97 8.37 -27.88 3.20
CA VAL B 97 7.24 -28.77 2.94
C VAL B 97 6.22 -28.62 4.08
N LEU B 98 5.06 -28.04 3.76
CA LEU B 98 4.04 -27.70 4.73
C LEU B 98 2.78 -28.51 4.46
N ASP B 99 2.04 -28.83 5.54
CA ASP B 99 0.72 -29.44 5.42
C ASP B 99 -0.19 -28.49 4.66
N TYR B 100 -0.73 -28.96 3.54
CA TYR B 100 -1.61 -28.17 2.64
C TYR B 100 -2.97 -27.98 3.31
N VAL B 101 -3.44 -26.73 3.35
CA VAL B 101 -4.75 -26.37 3.85
C VAL B 101 -5.49 -25.72 2.68
N PRO B 102 -6.72 -26.18 2.34
CA PRO B 102 -7.36 -25.83 1.07
C PRO B 102 -7.84 -24.37 0.93
N GLU B 103 -8.24 -23.71 2.02
CA GLU B 103 -8.79 -22.36 1.96
C GLU B 103 -8.03 -21.34 2.80
N THR B 104 -8.36 -20.06 2.58
CA THR B 104 -7.89 -18.95 3.38
C THR B 104 -9.09 -18.09 3.78
N VAL B 105 -8.93 -17.31 4.85
CA VAL B 105 -9.97 -16.39 5.30
C VAL B 105 -10.27 -15.36 4.20
N TYR B 106 -9.23 -14.93 3.49
CA TYR B 106 -9.32 -13.96 2.36
C TYR B 106 -10.34 -14.47 1.33
N ARG B 107 -10.15 -15.71 0.87
CA ARG B 107 -10.91 -16.32 -0.25
C ARG B 107 -12.36 -16.58 0.20
N VAL B 108 -12.54 -17.07 1.43
CA VAL B 108 -13.86 -17.33 2.00
C VAL B 108 -14.60 -16.02 2.17
N ALA B 109 -13.97 -15.04 2.82
CA ALA B 109 -14.57 -13.73 3.07
C ALA B 109 -15.03 -13.04 1.79
N ARG B 110 -14.24 -13.18 0.72
CA ARG B 110 -14.49 -12.54 -0.60
C ARG B 110 -15.70 -13.20 -1.27
N HIS B 111 -15.84 -14.52 -1.17
CA HIS B 111 -17.01 -15.24 -1.69
C HIS B 111 -18.30 -14.67 -1.10
N TYR B 112 -18.32 -14.50 0.22
CA TYR B 112 -19.44 -13.88 0.98
C TYR B 112 -19.61 -12.41 0.55
N SER B 113 -18.49 -11.69 0.43
CA SER B 113 -18.50 -10.25 0.18
C SER B 113 -19.13 -9.85 -1.16
N ARG B 114 -18.74 -10.54 -2.23
CA ARG B 114 -19.20 -10.26 -3.62
C ARG B 114 -20.59 -10.87 -3.85
N ALA B 115 -21.13 -11.59 -2.87
CA ALA B 115 -22.53 -12.02 -2.86
C ALA B 115 -23.37 -11.17 -1.90
N LYS B 116 -22.85 -10.00 -1.53
CA LYS B 116 -23.48 -9.06 -0.57
C LYS B 116 -23.96 -9.76 0.72
N GLN B 117 -23.15 -10.68 1.23
CA GLN B 117 -23.45 -11.45 2.44
C GLN B 117 -22.35 -11.29 3.48
N THR B 118 -22.75 -11.41 4.74
CA THR B 118 -21.85 -11.35 5.89
C THR B 118 -21.66 -12.78 6.40
N LEU B 119 -20.40 -13.14 6.68
CA LEU B 119 -20.04 -14.43 7.26
C LEU B 119 -20.75 -14.59 8.60
N PRO B 120 -21.41 -15.74 8.87
CA PRO B 120 -22.05 -15.98 10.17
C PRO B 120 -21.09 -15.72 11.35
N VAL B 121 -21.57 -15.05 12.40
CA VAL B 121 -20.72 -14.63 13.53
C VAL B 121 -20.05 -15.81 14.24
N ILE B 122 -20.69 -16.99 14.19
CA ILE B 122 -20.10 -18.20 14.77
C ILE B 122 -18.71 -18.49 14.17
N TYR B 123 -18.57 -18.30 12.86
CA TYR B 123 -17.29 -18.49 12.11
C TYR B 123 -16.33 -17.35 12.45
N VAL B 124 -16.84 -16.12 12.58
CA VAL B 124 -16.03 -14.96 12.98
C VAL B 124 -15.39 -15.23 14.34
N LYS B 125 -16.20 -15.76 15.27
CA LYS B 125 -15.72 -16.12 16.62
C LYS B 125 -14.67 -17.23 16.56
N LEU B 126 -14.98 -18.31 15.83
CA LEU B 126 -14.09 -19.44 15.69
C LEU B 126 -12.73 -19.06 15.11
N TYR B 127 -12.74 -18.27 14.03
CA TYR B 127 -11.52 -17.86 13.27
C TYR B 127 -10.70 -16.88 14.11
N MET B 128 -11.36 -15.86 14.67
CA MET B 128 -10.65 -14.84 15.45
C MET B 128 -10.01 -15.40 16.72
N TYR B 129 -10.72 -16.29 17.41
CA TYR B 129 -10.26 -16.97 18.65
C TYR B 129 -8.97 -17.75 18.35
N GLN B 130 -8.99 -18.55 17.29
CA GLN B 130 -7.85 -19.38 16.89
C GLN B 130 -6.65 -18.54 16.44
N LEU B 131 -6.92 -17.40 15.80
CA LEU B 131 -5.89 -16.43 15.45
C LEU B 131 -5.21 -15.90 16.71
N PHE B 132 -6.03 -15.49 17.69
CA PHE B 132 -5.52 -14.94 18.96
C PHE B 132 -4.73 -15.96 19.78
N ARG B 133 -5.11 -17.24 19.71
CA ARG B 133 -4.33 -18.36 20.32
C ARG B 133 -2.96 -18.43 19.65
N SER B 134 -2.92 -18.44 18.31
CA SER B 134 -1.67 -18.54 17.57
C SER B 134 -0.74 -17.36 17.89
N LEU B 135 -1.32 -16.17 18.04
CA LEU B 135 -0.58 -14.97 18.42
C LEU B 135 -0.09 -15.02 19.86
N ALA B 136 -0.93 -15.54 20.76
CA ALA B 136 -0.56 -15.74 22.16
C ALA B 136 0.67 -16.65 22.28
N TYR B 137 0.69 -17.72 21.47
CA TYR B 137 1.77 -18.72 21.43
C TYR B 137 3.07 -18.06 20.93
N ILE B 138 3.07 -17.51 19.71
CA ILE B 138 4.30 -16.96 19.13
C ILE B 138 4.86 -15.76 19.93
N HIS B 139 3.96 -14.91 20.46
CA HIS B 139 4.37 -13.77 21.28
C HIS B 139 5.06 -14.21 22.57
N SER B 140 4.69 -15.38 23.10
CA SER B 140 5.31 -15.95 24.29
C SER B 140 6.81 -16.24 24.10
N PHE B 141 7.22 -16.47 22.85
CA PHE B 141 8.64 -16.57 22.46
C PHE B 141 9.26 -15.22 22.10
N GLY B 142 8.48 -14.14 22.23
CA GLY B 142 8.88 -12.80 21.81
C GLY B 142 8.88 -12.59 20.29
N ILE B 143 8.26 -13.52 19.55
CA ILE B 143 8.20 -13.49 18.10
C ILE B 143 6.94 -12.79 17.62
N CYS B 144 7.14 -11.77 16.78
CA CYS B 144 6.07 -11.00 16.16
C CYS B 144 5.95 -11.43 14.70
N HIS B 145 4.72 -11.62 14.22
CA HIS B 145 4.47 -12.09 12.85
C HIS B 145 4.77 -11.00 11.82
N ARG B 146 4.23 -9.80 12.08
CA ARG B 146 4.48 -8.54 11.34
C ARG B 146 3.84 -8.57 9.94
N ASP B 147 2.89 -9.48 9.69
CA ASP B 147 2.16 -9.51 8.42
C ASP B 147 0.86 -10.31 8.57
N ILE B 148 0.09 -9.98 9.61
CA ILE B 148 -1.21 -10.60 9.84
C ILE B 148 -2.19 -9.97 8.87
N LYS B 149 -2.78 -10.82 8.02
CA LYS B 149 -3.78 -10.42 7.04
C LYS B 149 -4.58 -11.65 6.61
N PRO B 150 -5.81 -11.47 6.08
CA PRO B 150 -6.68 -12.59 5.71
C PRO B 150 -6.02 -13.66 4.82
N GLN B 151 -5.11 -13.25 3.92
CA GLN B 151 -4.42 -14.18 3.01
C GLN B 151 -3.52 -15.17 3.74
N ASN B 152 -2.99 -14.75 4.90
CA ASN B 152 -2.10 -15.56 5.72
C ASN B 152 -2.82 -16.39 6.80
N LEU B 153 -4.16 -16.41 6.77
CA LEU B 153 -4.98 -17.21 7.67
C LEU B 153 -5.61 -18.38 6.92
N LEU B 154 -4.98 -19.55 7.02
CA LEU B 154 -5.45 -20.76 6.36
C LEU B 154 -6.66 -21.34 7.08
N LEU B 155 -7.57 -21.97 6.32
CA LEU B 155 -8.81 -22.54 6.83
C LEU B 155 -9.09 -23.91 6.23
N ASP B 156 -9.46 -24.85 7.10
CA ASP B 156 -10.11 -26.08 6.69
C ASP B 156 -11.61 -25.83 6.87
N PRO B 157 -12.39 -25.73 5.78
CA PRO B 157 -13.80 -25.34 5.88
C PRO B 157 -14.64 -26.38 6.64
N ASP B 158 -14.33 -27.67 6.49
CA ASP B 158 -15.04 -28.75 7.15
C ASP B 158 -14.94 -28.69 8.69
N THR B 159 -13.70 -28.58 9.19
CA THR B 159 -13.41 -28.63 10.63
C THR B 159 -13.37 -27.26 11.32
N ALA B 160 -13.36 -26.19 10.50
CA ALA B 160 -13.30 -24.81 10.98
C ALA B 160 -11.97 -24.47 11.66
N VAL B 161 -10.92 -25.25 11.36
CA VAL B 161 -9.60 -25.05 11.96
C VAL B 161 -8.87 -23.98 11.18
N LEU B 162 -8.35 -22.98 11.89
CA LEU B 162 -7.57 -21.90 11.31
C LEU B 162 -6.11 -22.08 11.69
N LYS B 163 -5.23 -21.91 10.71
CA LYS B 163 -3.79 -21.98 10.92
C LYS B 163 -3.12 -20.75 10.33
N LEU B 164 -2.33 -20.06 11.17
CA LEU B 164 -1.52 -18.92 10.76
C LEU B 164 -0.33 -19.44 9.94
N CYS B 165 -0.07 -18.79 8.79
CA CYS B 165 1.04 -19.15 7.90
C CYS B 165 1.84 -17.92 7.46
N ASP B 166 2.88 -18.18 6.64
CA ASP B 166 3.77 -17.17 6.08
C ASP B 166 4.54 -16.40 7.18
N PHE B 167 5.60 -17.04 7.69
CA PHE B 167 6.45 -16.44 8.71
C PHE B 167 7.70 -15.78 8.12
N GLY B 168 7.61 -15.40 6.84
CA GLY B 168 8.69 -14.76 6.10
C GLY B 168 9.07 -13.38 6.61
N SER B 169 8.14 -12.68 7.26
CA SER B 169 8.38 -11.38 7.89
C SER B 169 8.58 -11.47 9.41
N ALA B 170 8.40 -12.68 9.97
CA ALA B 170 8.41 -12.89 11.42
C ALA B 170 9.79 -12.68 12.00
N LYS B 171 9.84 -12.11 13.21
CA LYS B 171 11.08 -11.78 13.88
C LYS B 171 10.89 -11.64 15.39
N GLN B 172 11.90 -12.04 16.15
CA GLN B 172 11.92 -11.84 17.58
C GLN B 172 12.25 -10.38 17.88
N LEU B 173 11.33 -9.68 18.55
CA LEU B 173 11.50 -8.28 18.93
C LEU B 173 12.09 -8.17 20.32
N VAL B 174 13.33 -7.66 20.40
CA VAL B 174 14.05 -7.45 21.65
C VAL B 174 14.06 -5.96 21.97
N ARG B 175 13.51 -5.59 23.13
CA ARG B 175 13.43 -4.19 23.62
C ARG B 175 14.83 -3.57 23.56
N GLY B 176 14.94 -2.39 22.93
CA GLY B 176 16.21 -1.71 22.73
C GLY B 176 16.72 -1.77 21.30
N GLU B 177 16.51 -2.93 20.63
CA GLU B 177 16.94 -3.13 19.25
C GLU B 177 15.92 -2.58 18.27
N PRO B 178 16.32 -1.73 17.29
CA PRO B 178 15.38 -1.15 16.34
C PRO B 178 14.95 -2.16 15.27
N ASN B 179 13.76 -1.96 14.68
CA ASN B 179 13.23 -2.82 13.64
C ASN B 179 12.57 -2.02 12.52
N VAL B 180 12.62 -2.54 11.30
CA VAL B 180 12.16 -1.83 10.10
C VAL B 180 10.65 -1.56 10.17
N SER B 181 10.24 -0.39 9.68
CA SER B 181 8.86 0.05 9.77
C SER B 181 8.03 -0.28 8.52
N TYR B 182 8.66 -0.89 7.51
CA TYR B 182 8.07 -1.13 6.17
C TYR B 182 7.61 -2.59 6.01
N ILE B 183 7.46 -3.31 7.12
CA ILE B 183 6.78 -4.61 7.13
C ILE B 183 5.28 -4.41 7.27
N CYS B 184 4.53 -5.50 7.05
CA CYS B 184 3.07 -5.55 7.23
C CYS B 184 2.34 -4.96 6.02
N SER B 185 1.24 -5.61 5.63
CA SER B 185 0.50 -5.28 4.42
C SER B 185 -0.42 -4.06 4.62
N ARG B 186 -0.70 -3.38 3.51
CA ARG B 186 -1.22 -1.98 3.41
C ARG B 186 -2.33 -1.65 4.42
N TYR B 187 -3.44 -2.40 4.46
CA TYR B 187 -4.69 -2.08 5.20
C TYR B 187 -4.61 -2.48 6.69
N TYR B 188 -3.63 -3.31 7.03
CA TYR B 188 -3.50 -4.03 8.32
C TYR B 188 -2.32 -3.48 9.13
N ARG B 189 -1.77 -2.34 8.72
CA ARG B 189 -0.59 -1.70 9.37
C ARG B 189 -1.08 -0.87 10.56
N ALA B 190 -0.46 -1.07 11.72
CA ALA B 190 -0.74 -0.28 12.91
C ALA B 190 -0.29 1.17 12.68
N PRO B 191 -0.90 2.16 13.35
CA PRO B 191 -0.55 3.56 13.12
C PRO B 191 0.94 3.85 13.37
N GLU B 192 1.53 3.25 14.40
CA GLU B 192 2.94 3.44 14.70
C GLU B 192 3.85 3.06 13.51
N LEU B 193 3.46 2.03 12.74
CA LEU B 193 4.19 1.61 11.54
C LEU B 193 4.04 2.64 10.42
N ILE B 194 2.83 3.20 10.27
CA ILE B 194 2.57 4.24 9.28
C ILE B 194 3.40 5.49 9.61
N PHE B 195 3.50 5.82 10.90
CA PHE B 195 4.31 6.94 11.40
C PHE B 195 5.82 6.66 11.41
N GLY B 196 6.22 5.47 10.95
CA GLY B 196 7.62 5.12 10.74
C GLY B 196 8.40 4.71 11.97
N ALA B 197 7.69 4.32 13.04
CA ALA B 197 8.29 3.87 14.29
C ALA B 197 9.18 2.66 14.06
N THR B 198 10.33 2.62 14.73
CA THR B 198 11.23 1.47 14.71
C THR B 198 11.36 0.78 16.07
N ASP B 199 10.62 1.28 17.07
CA ASP B 199 10.62 0.74 18.43
C ASP B 199 9.28 0.09 18.81
N TYR B 200 8.57 -0.41 17.79
CA TYR B 200 7.24 -1.05 17.94
C TYR B 200 7.40 -2.42 18.63
N THR B 201 6.30 -2.95 19.17
CA THR B 201 6.27 -4.22 19.88
C THR B 201 5.35 -5.20 19.15
N SER B 202 5.13 -6.37 19.76
CA SER B 202 4.22 -7.39 19.23
C SER B 202 2.76 -6.92 19.10
N SER B 203 2.42 -5.79 19.73
CA SER B 203 1.06 -5.24 19.67
C SER B 203 0.61 -4.79 18.27
N ILE B 204 1.55 -4.71 17.32
CA ILE B 204 1.20 -4.44 15.92
C ILE B 204 0.34 -5.55 15.33
N ASP B 205 0.63 -6.80 15.73
CA ASP B 205 -0.14 -7.98 15.34
C ASP B 205 -1.58 -7.91 15.84
N VAL B 206 -1.76 -7.34 17.04
CA VAL B 206 -3.08 -7.19 17.66
C VAL B 206 -3.93 -6.19 16.87
N TRP B 207 -3.31 -5.06 16.47
CA TRP B 207 -3.96 -4.09 15.58
C TRP B 207 -4.41 -4.78 14.28
N SER B 208 -3.48 -5.51 13.67
CA SER B 208 -3.74 -6.21 12.41
C SER B 208 -4.89 -7.21 12.55
N ALA B 209 -4.91 -7.94 13.66
CA ALA B 209 -5.98 -8.88 13.98
C ALA B 209 -7.31 -8.16 14.14
N GLY B 210 -7.29 -7.00 14.79
CA GLY B 210 -8.44 -6.12 14.91
C GLY B 210 -9.00 -5.68 13.57
N CYS B 211 -8.10 -5.43 12.61
CA CYS B 211 -8.48 -5.06 11.25
C CYS B 211 -9.18 -6.20 10.55
N VAL B 212 -8.72 -7.43 10.79
CA VAL B 212 -9.34 -8.63 10.24
C VAL B 212 -10.75 -8.83 10.80
N LEU B 213 -10.89 -8.67 12.13
CA LEU B 213 -12.19 -8.79 12.81
C LEU B 213 -13.20 -7.85 12.18
N ALA B 214 -12.87 -6.56 12.15
CA ALA B 214 -13.72 -5.51 11.59
C ALA B 214 -14.11 -5.82 10.13
N GLU B 215 -13.14 -6.31 9.35
CA GLU B 215 -13.33 -6.66 7.95
C GLU B 215 -14.34 -7.79 7.77
N LEU B 216 -14.24 -8.81 8.64
CA LEU B 216 -15.17 -9.93 8.63
C LEU B 216 -16.59 -9.50 9.01
N LEU B 217 -16.69 -8.52 9.92
CA LEU B 217 -17.98 -7.95 10.32
C LEU B 217 -18.56 -7.02 9.24
N LEU B 218 -17.71 -6.14 8.69
CA LEU B 218 -18.12 -5.15 7.69
C LEU B 218 -18.36 -5.72 6.29
N GLY B 219 -17.57 -6.73 5.92
CA GLY B 219 -17.59 -7.29 4.58
C GLY B 219 -16.64 -6.56 3.64
N GLN B 220 -15.81 -5.68 4.21
CA GLN B 220 -14.79 -4.95 3.46
C GLN B 220 -13.75 -4.37 4.42
N PRO B 221 -12.52 -4.07 3.95
CA PRO B 221 -11.49 -3.46 4.80
C PRO B 221 -11.97 -2.19 5.51
N ILE B 222 -11.66 -2.05 6.80
CA ILE B 222 -12.11 -0.91 7.60
C ILE B 222 -11.24 0.35 7.38
N PHE B 223 -9.93 0.17 7.16
CA PHE B 223 -9.00 1.29 6.96
C PHE B 223 -8.27 1.22 5.62
N PRO B 224 -9.00 1.34 4.48
CA PRO B 224 -8.37 1.30 3.15
C PRO B 224 -7.70 2.62 2.78
N GLY B 225 -6.90 2.61 1.71
CA GLY B 225 -6.20 3.79 1.22
C GLY B 225 -4.90 3.43 0.53
N ASP B 226 -4.64 4.07 -0.62
CA ASP B 226 -3.45 3.81 -1.42
C ASP B 226 -2.18 4.41 -0.81
N SER B 227 -2.35 5.41 0.05
CA SER B 227 -1.24 6.03 0.78
C SER B 227 -1.47 5.91 2.28
N GLY B 228 -0.40 6.12 3.05
CA GLY B 228 -0.45 6.17 4.49
C GLY B 228 -1.38 7.27 4.98
N VAL B 229 -1.38 8.40 4.26
CA VAL B 229 -2.21 9.56 4.59
C VAL B 229 -3.69 9.18 4.50
N ASP B 230 -4.07 8.52 3.41
CA ASP B 230 -5.44 8.08 3.19
C ASP B 230 -5.89 7.12 4.29
N GLN B 231 -5.02 6.17 4.63
CA GLN B 231 -5.26 5.21 5.70
C GLN B 231 -5.51 5.89 7.05
N LEU B 232 -4.64 6.84 7.41
CA LEU B 232 -4.75 7.59 8.66
C LEU B 232 -6.06 8.38 8.77
N VAL B 233 -6.51 8.95 7.65
CA VAL B 233 -7.78 9.67 7.58
C VAL B 233 -8.94 8.72 7.92
N GLU B 234 -8.92 7.51 7.34
CA GLU B 234 -9.93 6.49 7.60
C GLU B 234 -9.89 6.02 9.05
N ILE B 235 -8.70 5.99 9.64
CA ILE B 235 -8.50 5.65 11.06
C ILE B 235 -9.06 6.75 11.96
N ILE B 236 -8.69 8.00 11.65
CA ILE B 236 -9.15 9.17 12.40
C ILE B 236 -10.68 9.35 12.30
N LYS B 237 -11.25 8.96 11.15
CA LYS B 237 -12.71 8.97 10.96
C LYS B 237 -13.45 8.10 11.97
N VAL B 238 -12.79 7.02 12.43
CA VAL B 238 -13.38 6.06 13.35
C VAL B 238 -12.92 6.31 14.79
N LEU B 239 -11.61 6.33 14.99
CA LEU B 239 -11.00 6.48 16.32
C LEU B 239 -11.01 7.91 16.85
N GLY B 240 -11.21 8.89 15.96
CA GLY B 240 -11.09 10.30 16.29
C GLY B 240 -9.64 10.75 16.16
N THR B 241 -9.42 12.05 16.30
CA THR B 241 -8.09 12.65 16.19
C THR B 241 -7.24 12.21 17.38
N PRO B 242 -6.02 11.66 17.15
CA PRO B 242 -5.14 11.23 18.25
C PRO B 242 -4.60 12.43 19.05
N THR B 243 -4.63 12.33 20.38
CA THR B 243 -4.10 13.36 21.27
C THR B 243 -2.57 13.34 21.19
N ARG B 244 -1.95 14.48 21.50
CA ARG B 244 -0.47 14.66 21.53
C ARG B 244 0.15 13.54 22.37
N GLU B 245 -0.51 13.18 23.48
CA GLU B 245 -0.12 12.05 24.32
C GLU B 245 -0.04 10.76 23.49
N GLN B 246 -1.13 10.44 22.79
CA GLN B 246 -1.24 9.24 21.97
C GLN B 246 -0.22 9.20 20.82
N ILE B 247 0.09 10.38 20.27
CA ILE B 247 1.05 10.52 19.16
C ILE B 247 2.45 10.08 19.60
N ARG B 248 2.86 10.53 20.79
CA ARG B 248 4.22 10.29 21.36
C ARG B 248 4.42 8.78 21.62
N GLU B 249 3.38 8.11 22.14
CA GLU B 249 3.43 6.67 22.43
C GLU B 249 3.52 5.80 21.18
N MET B 250 2.97 6.30 20.06
CA MET B 250 3.09 5.65 18.76
C MET B 250 4.49 5.85 18.17
N ASN B 251 5.02 7.07 18.31
CA ASN B 251 6.35 7.40 17.76
C ASN B 251 6.79 8.85 17.99
N PRO B 252 8.09 9.10 18.30
CA PRO B 252 8.62 10.45 18.40
C PRO B 252 8.53 11.29 17.10
N ASN B 253 7.44 12.06 16.97
CA ASN B 253 7.24 13.01 15.88
C ASN B 253 6.60 14.33 16.36
N TYR B 254 5.75 14.25 17.39
CA TYR B 254 5.15 15.37 18.17
C TYR B 254 4.74 16.57 17.28
N THR B 255 3.61 16.42 16.59
CA THR B 255 3.01 17.39 15.64
C THR B 255 3.34 16.95 14.20
N GLU B 256 4.16 17.74 13.48
CA GLU B 256 4.66 17.42 12.14
C GLU B 256 3.61 16.78 11.22
N PHE B 257 2.91 17.61 10.44
CA PHE B 257 1.69 17.26 9.71
C PHE B 257 0.53 17.10 10.70
N LYS B 258 -0.19 18.20 10.96
CA LYS B 258 -1.40 18.16 11.77
C LYS B 258 -2.50 17.55 10.90
N PHE B 259 -3.46 16.87 11.54
CA PHE B 259 -4.52 16.14 10.86
C PHE B 259 -5.85 16.87 11.07
N PRO B 260 -6.91 16.56 10.29
CA PRO B 260 -8.25 17.11 10.53
C PRO B 260 -8.75 16.83 11.95
N GLN B 261 -9.21 17.88 12.65
CA GLN B 261 -9.69 17.80 14.02
C GLN B 261 -11.11 17.22 14.03
N ILE B 262 -11.19 15.88 13.94
CA ILE B 262 -12.47 15.17 13.82
C ILE B 262 -12.80 14.42 15.12
N LYS B 263 -14.09 14.44 15.48
CA LYS B 263 -14.61 13.83 16.71
C LYS B 263 -14.66 12.31 16.61
N ALA B 264 -14.69 11.63 17.76
CA ALA B 264 -14.80 10.18 17.85
C ALA B 264 -16.16 9.67 17.35
N HIS B 265 -16.18 9.16 16.12
CA HIS B 265 -17.36 8.55 15.51
C HIS B 265 -17.74 7.29 16.28
N PRO B 266 -18.89 7.26 16.98
CA PRO B 266 -19.20 6.15 17.88
C PRO B 266 -19.22 4.80 17.14
N TRP B 267 -18.58 3.79 17.74
CA TRP B 267 -18.33 2.50 17.11
C TRP B 267 -19.58 1.75 16.63
N THR B 268 -20.73 2.00 17.26
CA THR B 268 -21.98 1.31 16.93
C THR B 268 -22.47 1.63 15.51
N LYS B 269 -22.26 2.87 15.07
CA LYS B 269 -22.67 3.31 13.73
C LYS B 269 -21.68 2.91 12.61
N VAL B 270 -20.54 2.34 13.00
CA VAL B 270 -19.55 1.82 12.04
C VAL B 270 -20.07 0.56 11.37
N PHE B 271 -20.65 -0.35 12.16
CA PHE B 271 -21.10 -1.65 11.70
C PHE B 271 -22.60 -1.66 11.40
N ARG B 272 -23.06 -2.72 10.75
CA ARG B 272 -24.47 -2.92 10.31
C ARG B 272 -25.35 -3.10 11.54
N PRO B 273 -26.69 -2.92 11.42
CA PRO B 273 -27.56 -2.76 12.60
C PRO B 273 -27.48 -3.86 13.67
N ARG B 274 -27.55 -5.13 13.29
CA ARG B 274 -27.70 -6.29 14.22
C ARG B 274 -26.33 -6.91 14.52
N THR B 275 -25.24 -6.13 14.45
CA THR B 275 -23.90 -6.61 14.79
C THR B 275 -23.79 -6.79 16.30
N PRO B 276 -23.39 -7.99 16.79
CA PRO B 276 -23.27 -8.21 18.24
C PRO B 276 -22.50 -7.10 18.96
N PRO B 277 -23.05 -6.54 20.06
CA PRO B 277 -22.36 -5.49 20.81
C PRO B 277 -20.95 -5.88 21.30
N GLU B 278 -20.75 -7.16 21.61
CA GLU B 278 -19.47 -7.65 22.14
C GLU B 278 -18.38 -7.66 21.06
N ALA B 279 -18.78 -7.95 19.81
CA ALA B 279 -17.90 -7.87 18.65
C ALA B 279 -17.36 -6.46 18.48
N ILE B 280 -18.25 -5.47 18.63
CA ILE B 280 -17.92 -4.05 18.52
C ILE B 280 -17.01 -3.63 19.68
N ALA B 281 -17.35 -4.08 20.89
CA ALA B 281 -16.57 -3.82 22.09
C ALA B 281 -15.14 -4.34 21.93
N LEU B 282 -15.00 -5.56 21.40
CA LEU B 282 -13.69 -6.18 21.16
C LEU B 282 -12.85 -5.35 20.19
N CYS B 283 -13.47 -4.91 19.08
CA CYS B 283 -12.81 -4.05 18.09
C CYS B 283 -12.19 -2.81 18.70
N SER B 284 -12.98 -2.12 19.53
CA SER B 284 -12.56 -0.87 20.16
C SER B 284 -11.35 -1.04 21.09
N ARG B 285 -11.19 -2.25 21.66
CA ARG B 285 -10.10 -2.61 22.61
C ARG B 285 -8.90 -3.19 21.85
N LEU B 286 -9.07 -3.53 20.57
CA LEU B 286 -7.97 -3.99 19.72
C LEU B 286 -7.38 -2.83 18.92
N LEU B 287 -8.27 -2.02 18.33
CA LEU B 287 -7.90 -0.90 17.49
C LEU B 287 -7.76 0.38 18.32
N GLU B 288 -6.68 0.46 19.09
CA GLU B 288 -6.34 1.61 19.94
C GLU B 288 -5.04 2.23 19.42
N TYR B 289 -4.96 3.56 19.47
CA TYR B 289 -3.76 4.35 19.11
C TYR B 289 -2.59 3.91 20.00
N THR B 290 -2.76 4.05 21.32
CA THR B 290 -1.73 3.67 22.29
C THR B 290 -1.48 2.17 22.21
N PRO B 291 -0.28 1.72 21.78
CA PRO B 291 0.01 0.29 21.62
C PRO B 291 -0.19 -0.54 22.90
N THR B 292 0.27 -0.03 24.04
CA THR B 292 0.17 -0.71 25.33
C THR B 292 -1.27 -0.80 25.86
N ALA B 293 -2.16 0.05 25.33
CA ALA B 293 -3.56 0.07 25.72
C ALA B 293 -4.38 -1.05 25.09
N ARG B 294 -3.87 -1.64 24.00
CA ARG B 294 -4.54 -2.73 23.24
C ARG B 294 -4.53 -4.00 24.10
N LEU B 295 -5.55 -4.85 23.94
CA LEU B 295 -5.58 -6.16 24.58
C LEU B 295 -4.38 -6.99 24.10
N THR B 296 -3.89 -7.87 24.98
CA THR B 296 -2.94 -8.91 24.59
C THR B 296 -3.74 -10.00 23.89
N PRO B 297 -3.10 -10.84 23.04
CA PRO B 297 -3.80 -11.96 22.41
C PRO B 297 -4.60 -12.81 23.41
N LEU B 298 -3.99 -13.13 24.55
CA LEU B 298 -4.59 -13.99 25.57
C LEU B 298 -5.82 -13.35 26.23
N GLU B 299 -5.75 -12.03 26.44
CA GLU B 299 -6.89 -11.25 26.95
C GLU B 299 -8.05 -11.20 25.97
N ALA B 300 -7.74 -11.21 24.66
CA ALA B 300 -8.73 -11.23 23.60
C ALA B 300 -9.49 -12.54 23.62
N CYS B 301 -8.75 -13.66 23.70
CA CYS B 301 -9.33 -15.00 23.85
C CYS B 301 -10.37 -15.08 24.97
N ALA B 302 -10.08 -14.39 26.09
CA ALA B 302 -10.95 -14.37 27.27
C ALA B 302 -12.04 -13.30 27.25
N HIS B 303 -12.16 -12.57 26.13
CA HIS B 303 -13.18 -11.55 25.95
C HIS B 303 -14.54 -12.21 25.80
N SER B 304 -15.60 -11.52 26.23
CA SER B 304 -16.95 -12.07 26.27
C SER B 304 -17.53 -12.41 24.89
N PHE B 305 -16.99 -11.78 23.84
CA PHE B 305 -17.34 -12.09 22.45
C PHE B 305 -17.20 -13.58 22.12
N PHE B 306 -16.24 -14.24 22.78
CA PHE B 306 -15.96 -15.66 22.57
C PHE B 306 -16.66 -16.61 23.56
N ASP B 307 -17.60 -16.09 24.37
CA ASP B 307 -18.32 -16.88 25.38
C ASP B 307 -19.06 -18.08 24.78
N GLU B 308 -19.73 -17.85 23.63
CA GLU B 308 -20.44 -18.91 22.92
C GLU B 308 -19.55 -20.14 22.68
N LEU B 309 -18.27 -19.91 22.40
CA LEU B 309 -17.31 -20.98 22.12
C LEU B 309 -17.03 -21.84 23.36
N ARG B 310 -17.17 -21.23 24.54
CA ARG B 310 -16.92 -21.88 25.86
C ARG B 310 -18.20 -22.57 26.38
N ASP B 311 -19.34 -22.33 25.74
CA ASP B 311 -20.59 -23.03 26.04
C ASP B 311 -20.41 -24.52 25.74
N PRO B 312 -20.77 -25.44 26.66
CA PRO B 312 -20.52 -26.87 26.47
C PRO B 312 -21.31 -27.50 25.30
N ASN B 313 -22.44 -26.91 24.91
CA ASN B 313 -23.29 -27.45 23.86
C ASN B 313 -23.04 -26.91 22.45
N VAL B 314 -22.08 -25.98 22.32
CA VAL B 314 -21.75 -25.35 21.04
C VAL B 314 -21.28 -26.39 20.03
N LYS B 315 -21.79 -26.26 18.80
CA LYS B 315 -21.40 -27.11 17.68
C LYS B 315 -21.35 -26.27 16.40
N LEU B 316 -20.63 -26.79 15.39
CA LEU B 316 -20.56 -26.13 14.09
C LEU B 316 -21.91 -26.20 13.39
N PRO B 317 -22.24 -25.24 12.50
CA PRO B 317 -23.47 -25.30 11.69
C PRO B 317 -23.65 -26.61 10.92
N ASN B 318 -22.56 -27.25 10.50
CA ASN B 318 -22.58 -28.52 9.77
C ASN B 318 -22.74 -29.77 10.66
N GLY B 319 -22.99 -29.56 11.96
CA GLY B 319 -23.26 -30.64 12.90
C GLY B 319 -22.07 -31.11 13.71
N ARG B 320 -20.85 -30.97 13.16
CA ARG B 320 -19.57 -31.43 13.76
C ARG B 320 -19.29 -30.66 15.06
N ASP B 321 -18.42 -31.22 15.91
CA ASP B 321 -17.90 -30.53 17.08
C ASP B 321 -17.00 -29.39 16.61
N THR B 322 -16.83 -28.39 17.49
CA THR B 322 -15.85 -27.34 17.29
C THR B 322 -14.47 -28.00 17.38
N PRO B 323 -13.42 -27.39 16.78
CA PRO B 323 -12.05 -27.86 17.00
C PRO B 323 -11.61 -27.60 18.45
N ALA B 324 -10.46 -28.16 18.85
CA ALA B 324 -9.98 -28.04 20.23
C ALA B 324 -9.63 -26.57 20.51
N LEU B 325 -10.30 -25.98 21.51
CA LEU B 325 -10.16 -24.57 21.85
C LEU B 325 -9.54 -24.30 23.22
N PHE B 326 -9.42 -25.33 24.05
CA PHE B 326 -9.10 -25.17 25.48
C PHE B 326 -7.85 -25.89 25.97
N ASN B 327 -7.21 -26.67 25.08
CA ASN B 327 -5.99 -27.40 25.41
C ASN B 327 -4.75 -26.49 25.48
N PHE B 328 -4.83 -25.47 26.35
CA PHE B 328 -3.75 -24.51 26.56
C PHE B 328 -2.57 -25.18 27.27
N THR B 329 -1.35 -24.76 26.90
CA THR B 329 -0.13 -25.18 27.57
C THR B 329 0.35 -24.06 28.50
N THR B 330 1.32 -24.38 29.36
CA THR B 330 1.93 -23.42 30.27
C THR B 330 2.61 -22.29 29.51
N GLN B 331 3.34 -22.67 28.45
CA GLN B 331 3.97 -21.74 27.52
C GLN B 331 2.94 -20.72 27.00
N GLU B 332 1.84 -21.25 26.46
CA GLU B 332 0.76 -20.47 25.86
C GLU B 332 0.06 -19.50 26.83
N LEU B 333 0.05 -19.86 28.12
CA LEU B 333 -0.61 -19.08 29.18
C LEU B 333 0.33 -18.18 29.97
N SER B 334 1.64 -18.29 29.72
CA SER B 334 2.69 -17.65 30.52
C SER B 334 2.54 -16.12 30.61
N SER B 335 2.01 -15.50 29.54
CA SER B 335 1.68 -14.07 29.52
C SER B 335 0.87 -13.64 30.75
N ASN B 336 -0.08 -14.50 31.17
CA ASN B 336 -1.00 -14.20 32.27
C ASN B 336 -1.73 -15.47 32.72
N PRO B 337 -1.09 -16.35 33.52
CA PRO B 337 -1.69 -17.64 33.92
C PRO B 337 -3.07 -17.55 34.59
N PRO B 338 -3.32 -16.58 35.51
CA PRO B 338 -4.66 -16.40 36.08
C PRO B 338 -5.84 -16.39 35.10
N LEU B 339 -5.61 -16.06 33.83
CA LEU B 339 -6.66 -16.05 32.80
C LEU B 339 -7.25 -17.44 32.49
N ALA B 340 -6.51 -18.50 32.85
CA ALA B 340 -6.97 -19.88 32.70
C ALA B 340 -8.35 -20.11 33.32
N THR B 341 -8.68 -19.37 34.39
CA THR B 341 -9.97 -19.46 35.06
C THR B 341 -11.15 -19.02 34.18
N ILE B 342 -10.87 -18.22 33.15
CA ILE B 342 -11.83 -17.88 32.11
C ILE B 342 -11.66 -18.74 30.85
N LEU B 343 -10.40 -18.91 30.42
CA LEU B 343 -10.08 -19.56 29.16
C LEU B 343 -10.44 -21.04 29.10
N ILE B 344 -10.18 -21.76 30.19
CA ILE B 344 -10.50 -23.19 30.32
C ILE B 344 -11.80 -23.34 31.10
N PRO B 345 -12.95 -23.58 30.42
CA PRO B 345 -14.26 -23.51 31.07
C PRO B 345 -14.55 -24.75 31.91
N PRO B 346 -15.52 -24.67 32.87
CA PRO B 346 -15.78 -25.76 33.80
C PRO B 346 -15.86 -27.16 33.17
N HIS B 347 -16.61 -27.31 32.07
CA HIS B 347 -16.83 -28.60 31.42
C HIS B 347 -15.57 -29.23 30.81
N ALA B 348 -14.49 -28.45 30.67
CA ALA B 348 -13.17 -28.96 30.38
C ALA B 348 -12.43 -29.14 31.71
#